data_5OVL
#
_entry.id   5OVL
#
_cell.length_a   52.140
_cell.length_b   69.390
_cell.length_c   223.650
_cell.angle_alpha   90.00
_cell.angle_beta   90.00
_cell.angle_gamma   90.00
#
_symmetry.space_group_name_H-M   'P 21 21 21'
#
loop_
_entity.id
_entity.type
_entity.pdbx_description
1 polymer '3-oxoacyl-[acyl-carrier-protein] reductase FabG'
2 non-polymer 'NADP NICOTINAMIDE-ADENINE-DINUCLEOTIDE PHOSPHATE'
3 water water
#
_entity_poly.entity_id   1
_entity_poly.type   'polypeptide(L)'
_entity_poly.pdbx_seq_one_letter_code
;MHHHHHHSSGLVPRGSGMKETAAAKFERQHMDSPDLGTENLYFQGMTVTDNPADTAGEATAGRPAFVSRSVLVTGGNRGI
GLAIARRLAADGHKVAVTHRGSGAPDDLFGVQCDVTDSAAVDRAFKEVEEHQGPVEVLVANAGISKDAFLMRMTEERFEE
VINTNLTGAFRCAQRASRTMQRKRFGRIIFIGSVSGMWGIGNQANYAAAKAGLIGMARSISRELAKAGVTANVVAPGYID
TEMTRALDERIQAGALDFIPAKRVGTAEEVAGAVSFLASEDASYIAGAVIPVDGGMGMGH
;
_entity_poly.pdbx_strand_id   A,B,C,D
#
loop_
_chem_comp.id
_chem_comp.type
_chem_comp.name
_chem_comp.formula
NAP non-polymer 'NADP NICOTINAMIDE-ADENINE-DINUCLEOTIDE PHOSPHATE' 'C21 H28 N7 O17 P3'
#
# COMPACT_ATOMS: atom_id res chain seq x y z
N THR A 60 15.57 29.61 -3.98
CA THR A 60 14.80 28.66 -4.78
C THR A 60 15.63 27.43 -5.15
N ALA A 61 16.87 27.66 -5.61
CA ALA A 61 17.72 26.55 -6.02
C ALA A 61 18.15 25.71 -4.82
N GLY A 62 18.62 26.37 -3.76
CA GLY A 62 19.10 25.69 -2.58
C GLY A 62 17.99 25.35 -1.61
N ARG A 63 18.38 25.13 -0.36
CA ARG A 63 17.41 24.84 0.69
C ARG A 63 16.57 26.09 0.95
N PRO A 64 15.25 25.96 1.07
CA PRO A 64 14.40 27.14 1.26
C PRO A 64 14.70 27.84 2.58
N ALA A 65 14.24 29.08 2.68
CA ALA A 65 14.44 29.87 3.88
C ALA A 65 13.76 29.22 5.08
N PHE A 66 14.48 29.14 6.19
CA PHE A 66 13.98 28.46 7.37
C PHE A 66 12.96 29.31 8.10
N VAL A 67 11.91 28.66 8.61
CA VAL A 67 10.89 29.29 9.42
C VAL A 67 10.88 28.60 10.78
N SER A 68 11.10 29.37 11.84
CA SER A 68 11.07 28.79 13.18
C SER A 68 9.62 28.53 13.57
N ARG A 69 9.28 27.25 13.71
CA ARG A 69 7.91 26.83 13.98
C ARG A 69 7.71 26.59 15.47
N SER A 70 6.49 26.85 15.92
CA SER A 70 6.08 26.46 17.27
C SER A 70 5.80 24.96 17.27
N VAL A 71 6.61 24.20 17.98
CA VAL A 71 6.57 22.74 17.95
C VAL A 71 6.10 22.21 19.29
N LEU A 72 5.20 21.22 19.25
CA LEU A 72 4.78 20.49 20.43
C LEU A 72 5.01 19.00 20.17
N VAL A 73 5.77 18.35 21.05
CA VAL A 73 6.10 16.94 20.93
C VAL A 73 5.51 16.23 22.15
N THR A 74 4.55 15.35 21.93
CA THR A 74 3.95 14.59 23.02
C THR A 74 4.91 13.49 23.47
N GLY A 75 5.13 13.39 24.78
CA GLY A 75 6.06 12.42 25.31
C GLY A 75 7.50 12.70 24.91
N GLY A 76 7.99 13.90 25.22
CA GLY A 76 9.32 14.30 24.81
C GLY A 76 10.35 14.24 25.91
N ASN A 77 10.08 13.45 26.95
CA ASN A 77 11.01 13.33 28.07
C ASN A 77 11.99 12.18 27.94
N ARG A 78 11.69 11.19 27.09
CA ARG A 78 12.59 10.06 26.94
C ARG A 78 12.31 9.39 25.60
N GLY A 79 13.23 8.52 25.19
CA GLY A 79 13.00 7.68 24.03
C GLY A 79 13.08 8.44 22.72
N ILE A 80 12.23 8.03 21.78
CA ILE A 80 12.23 8.66 20.45
C ILE A 80 11.75 10.11 20.54
N GLY A 81 10.78 10.38 21.41
CA GLY A 81 10.29 11.74 21.54
C GLY A 81 11.34 12.73 22.03
N LEU A 82 12.26 12.26 22.88
CA LEU A 82 13.34 13.12 23.33
C LEU A 82 14.29 13.45 22.18
N ALA A 83 14.58 12.47 21.33
CA ALA A 83 15.44 12.72 20.17
C ALA A 83 14.77 13.65 19.17
N ILE A 84 13.45 13.51 19.00
CA ILE A 84 12.72 14.40 18.10
C ILE A 84 12.77 15.83 18.61
N ALA A 85 12.54 16.02 19.91
CA ALA A 85 12.54 17.36 20.48
C ALA A 85 13.92 18.00 20.38
N ARG A 86 14.99 17.22 20.61
CA ARG A 86 16.34 17.76 20.53
C ARG A 86 16.72 18.09 19.10
N ARG A 87 16.29 17.26 18.14
CA ARG A 87 16.60 17.53 16.74
C ARG A 87 15.87 18.78 16.24
N LEU A 88 14.58 18.91 16.57
CA LEU A 88 13.82 20.07 16.11
C LEU A 88 14.31 21.36 16.76
N ALA A 89 14.81 21.29 17.99
CA ALA A 89 15.37 22.47 18.63
C ALA A 89 16.68 22.87 17.96
N ALA A 90 17.55 21.90 17.68
CA ALA A 90 18.79 22.20 16.98
C ALA A 90 18.53 22.69 15.55
N ASP A 91 17.39 22.33 14.97
CA ASP A 91 17.02 22.89 13.67
C ASP A 91 16.71 24.38 13.77
N GLY A 92 16.30 24.85 14.94
CA GLY A 92 15.93 26.23 15.14
C GLY A 92 14.47 26.48 15.43
N HIS A 93 13.70 25.46 15.76
CA HIS A 93 12.29 25.61 16.07
C HIS A 93 12.12 25.95 17.55
N LYS A 94 10.96 26.53 17.87
CA LYS A 94 10.55 26.76 19.25
C LYS A 94 9.84 25.49 19.71
N VAL A 95 10.57 24.65 20.44
CA VAL A 95 10.14 23.29 20.74
C VAL A 95 9.58 23.22 22.16
N ALA A 96 8.37 22.70 22.29
CA ALA A 96 7.76 22.38 23.56
C ALA A 96 7.44 20.89 23.60
N VAL A 97 7.50 20.30 24.79
CA VAL A 97 7.22 18.89 24.96
C VAL A 97 6.20 18.72 26.08
N THR A 98 5.53 17.58 26.06
CA THR A 98 4.65 17.18 27.15
C THR A 98 5.34 16.12 28.01
N HIS A 99 5.04 16.15 29.30
CA HIS A 99 5.57 15.18 30.25
C HIS A 99 4.47 14.81 31.22
N ARG A 100 4.80 13.94 32.18
CA ARG A 100 3.85 13.52 33.19
C ARG A 100 4.43 13.65 34.59
N GLY A 101 5.38 14.58 34.77
CA GLY A 101 5.94 14.84 36.08
C GLY A 101 7.43 15.11 36.07
N SER A 102 8.16 14.47 35.16
CA SER A 102 9.62 14.60 35.14
C SER A 102 10.05 16.00 34.74
N GLY A 103 9.30 16.65 33.85
CA GLY A 103 9.64 17.97 33.37
C GLY A 103 10.29 17.93 32.00
N ALA A 104 10.51 19.12 31.46
CA ALA A 104 11.09 19.26 30.13
C ALA A 104 12.60 19.00 30.17
N PRO A 105 13.14 18.39 29.12
CA PRO A 105 14.58 18.16 29.04
C PRO A 105 15.31 19.39 28.51
N ASP A 106 16.60 19.45 28.82
CA ASP A 106 17.51 20.50 28.34
C ASP A 106 16.93 21.87 28.73
N ASP A 107 16.89 22.83 27.82
CA ASP A 107 16.29 24.14 28.07
C ASP A 107 14.92 24.29 27.41
N LEU A 108 14.30 23.18 27.04
CA LEU A 108 13.04 23.23 26.32
C LEU A 108 11.88 23.57 27.25
N PHE A 109 10.76 23.95 26.66
CA PHE A 109 9.56 24.29 27.40
C PHE A 109 8.72 23.04 27.58
N GLY A 110 8.20 22.85 28.79
CA GLY A 110 7.46 21.64 29.12
C GLY A 110 6.13 21.94 29.78
N VAL A 111 5.14 21.11 29.46
CA VAL A 111 3.82 21.16 30.09
C VAL A 111 3.42 19.74 30.44
N GLN A 112 2.78 19.58 31.60
CA GLN A 112 2.33 18.26 32.03
C GLN A 112 1.00 17.93 31.36
N CYS A 113 0.94 16.78 30.70
CA CYS A 113 -0.24 16.42 29.91
C CYS A 113 -0.24 14.91 29.65
N ASP A 114 -1.36 14.28 29.95
CA ASP A 114 -1.62 12.89 29.58
C ASP A 114 -2.59 12.89 28.41
N VAL A 115 -2.20 12.27 27.30
CA VAL A 115 -2.95 12.35 26.05
C VAL A 115 -4.27 11.59 26.12
N THR A 116 -4.54 10.94 27.24
CA THR A 116 -5.84 10.31 27.46
C THR A 116 -6.85 11.25 28.12
N ASP A 117 -6.48 12.51 28.34
CA ASP A 117 -7.33 13.48 29.03
C ASP A 117 -7.47 14.71 28.13
N SER A 118 -8.65 14.86 27.52
CA SER A 118 -8.88 15.99 26.62
C SER A 118 -8.75 17.31 27.35
N ALA A 119 -9.20 17.37 28.61
CA ALA A 119 -9.08 18.60 29.38
C ALA A 119 -7.61 18.97 29.59
N ALA A 120 -6.76 17.97 29.80
CA ALA A 120 -5.34 18.24 29.99
C ALA A 120 -4.67 18.64 28.67
N VAL A 121 -5.11 18.04 27.55
CA VAL A 121 -4.57 18.41 26.24
C VAL A 121 -4.89 19.86 25.92
N ASP A 122 -6.15 20.26 26.14
CA ASP A 122 -6.54 21.65 25.93
C ASP A 122 -5.73 22.58 26.83
N ARG A 123 -5.50 22.17 28.09
CA ARG A 123 -4.70 22.98 29.00
C ARG A 123 -3.27 23.10 28.52
N ALA A 124 -2.70 22.00 27.99
CA ALA A 124 -1.32 22.03 27.50
C ALA A 124 -1.18 22.97 26.30
N PHE A 125 -2.11 22.88 25.35
CA PHE A 125 -2.07 23.77 24.19
C PHE A 125 -2.22 25.23 24.59
N LYS A 126 -3.03 25.51 25.62
CA LYS A 126 -3.21 26.89 26.06
C LYS A 126 -1.90 27.46 26.59
N GLU A 127 -1.16 26.68 27.38
CA GLU A 127 0.10 27.16 27.93
C GLU A 127 1.17 27.30 26.85
N VAL A 128 1.19 26.37 25.88
CA VAL A 128 2.13 26.47 24.78
C VAL A 128 1.81 27.69 23.91
N GLU A 129 0.52 27.94 23.66
CA GLU A 129 0.12 29.11 22.89
C GLU A 129 0.64 30.40 23.54
N GLU A 130 0.52 30.51 24.86
CA GLU A 130 0.97 31.71 25.55
C GLU A 130 2.49 31.83 25.51
N HIS A 131 3.21 30.72 25.58
CA HIS A 131 4.67 30.77 25.70
C HIS A 131 5.34 31.04 24.36
N GLN A 132 4.88 30.38 23.28
CA GLN A 132 5.59 30.44 22.01
C GLN A 132 4.67 30.59 20.81
N GLY A 133 3.43 31.02 21.02
CA GLY A 133 2.47 31.13 19.94
C GLY A 133 1.80 29.79 19.65
N PRO A 134 0.72 29.82 18.87
CA PRO A 134 -0.02 28.58 18.60
C PRO A 134 0.84 27.54 17.89
N VAL A 135 0.56 26.28 18.20
CA VAL A 135 1.37 25.17 17.69
C VAL A 135 1.23 25.08 16.17
N GLU A 136 2.35 25.17 15.46
CA GLU A 136 2.37 25.02 14.02
C GLU A 136 2.73 23.61 13.58
N VAL A 137 3.58 22.93 14.34
CA VAL A 137 4.01 21.56 14.03
C VAL A 137 3.72 20.70 15.24
N LEU A 138 2.86 19.71 15.07
CA LEU A 138 2.51 18.76 16.13
C LEU A 138 3.14 17.41 15.82
N VAL A 139 3.85 16.85 16.80
CA VAL A 139 4.47 15.54 16.68
C VAL A 139 3.84 14.66 17.76
N ALA A 140 2.83 13.87 17.37
CA ALA A 140 2.14 12.97 18.29
C ALA A 140 2.99 11.72 18.48
N ASN A 141 3.87 11.77 19.48
CA ASN A 141 4.82 10.69 19.72
C ASN A 141 4.44 9.77 20.87
N ALA A 142 3.64 10.24 21.83
CA ALA A 142 3.29 9.43 22.99
C ALA A 142 2.61 8.14 22.55
N GLY A 143 3.06 7.03 23.11
CA GLY A 143 2.51 5.72 22.78
C GLY A 143 2.98 4.67 23.75
N ILE A 144 2.20 3.59 23.83
CA ILE A 144 2.49 2.46 24.70
C ILE A 144 2.24 1.16 23.93
N SER A 145 2.59 0.04 24.56
CA SER A 145 2.39 -1.28 23.99
C SER A 145 1.94 -2.25 25.08
N LYS A 146 0.95 -3.08 24.74
CA LYS A 146 0.41 -4.10 25.64
C LYS A 146 0.18 -5.37 24.83
N ASP A 147 1.28 -6.06 24.49
CA ASP A 147 1.20 -7.21 23.62
C ASP A 147 0.57 -8.42 24.33
N ALA A 148 -0.10 -9.25 23.54
CA ALA A 148 -0.74 -10.48 24.01
C ALA A 148 -1.26 -11.24 22.80
N PHE A 149 -1.35 -12.56 22.94
CA PHE A 149 -2.01 -13.37 21.92
C PHE A 149 -3.47 -12.94 21.80
N LEU A 150 -4.04 -13.16 20.62
CA LEU A 150 -5.42 -12.74 20.38
C LEU A 150 -6.38 -13.34 21.39
N MET A 151 -6.24 -14.64 21.66
CA MET A 151 -7.13 -15.29 22.61
C MET A 151 -6.89 -14.84 24.05
N ARG A 152 -5.74 -14.22 24.33
CA ARG A 152 -5.40 -13.79 25.68
C ARG A 152 -5.58 -12.28 25.90
N MET A 153 -5.77 -11.51 24.84
CA MET A 153 -5.85 -10.06 24.96
C MET A 153 -7.20 -9.64 25.53
N THR A 154 -7.18 -8.90 26.63
CA THR A 154 -8.38 -8.46 27.30
C THR A 154 -8.89 -7.15 26.70
N GLU A 155 -10.13 -6.81 27.06
CA GLU A 155 -10.72 -5.56 26.58
C GLU A 155 -9.97 -4.35 27.12
N GLU A 156 -9.52 -4.41 28.37
CA GLU A 156 -8.82 -3.28 28.98
C GLU A 156 -7.50 -3.01 28.27
N ARG A 157 -6.68 -4.06 28.07
CA ARG A 157 -5.39 -3.90 27.44
C ARG A 157 -5.50 -3.52 25.96
N PHE A 158 -6.62 -3.82 25.32
CA PHE A 158 -6.85 -3.36 23.96
C PHE A 158 -7.23 -1.88 23.94
N GLU A 159 -8.11 -1.47 24.86
CA GLU A 159 -8.63 -0.11 24.82
C GLU A 159 -7.62 0.93 25.28
N GLU A 160 -6.78 0.60 26.28
CA GLU A 160 -5.80 1.58 26.74
C GLU A 160 -4.73 1.84 25.70
N VAL A 161 -4.39 0.84 24.88
CA VAL A 161 -3.51 1.08 23.76
C VAL A 161 -4.18 1.96 22.72
N ILE A 162 -5.45 1.69 22.43
CA ILE A 162 -6.20 2.50 21.48
C ILE A 162 -6.38 3.92 22.01
N ASN A 163 -6.71 4.06 23.30
CA ASN A 163 -6.98 5.37 23.87
C ASN A 163 -5.74 6.26 23.88
N THR A 164 -4.56 5.68 24.07
CA THR A 164 -3.32 6.45 24.09
C THR A 164 -2.76 6.68 22.69
N ASN A 165 -2.56 5.58 21.94
CA ASN A 165 -1.87 5.67 20.66
C ASN A 165 -2.76 6.29 19.57
N LEU A 166 -4.02 5.87 19.48
CA LEU A 166 -4.90 6.35 18.42
C LEU A 166 -5.72 7.56 18.87
N THR A 167 -6.56 7.37 19.90
CA THR A 167 -7.40 8.48 20.36
C THR A 167 -6.56 9.62 20.92
N GLY A 168 -5.49 9.29 21.64
CA GLY A 168 -4.60 10.33 22.15
C GLY A 168 -3.98 11.18 21.05
N ALA A 169 -3.67 10.56 19.91
CA ALA A 169 -3.19 11.35 18.77
C ALA A 169 -4.30 12.21 18.20
N PHE A 170 -5.55 11.72 18.22
CA PHE A 170 -6.66 12.54 17.74
C PHE A 170 -6.88 13.76 18.63
N ARG A 171 -6.83 13.57 19.95
CA ARG A 171 -7.06 14.68 20.87
C ARG A 171 -6.09 15.83 20.60
N CYS A 172 -4.82 15.51 20.34
CA CYS A 172 -3.84 16.55 20.05
C CYS A 172 -4.06 17.14 18.66
N ALA A 173 -4.36 16.28 17.67
CA ALA A 173 -4.57 16.78 16.31
C ALA A 173 -5.83 17.63 16.22
N GLN A 174 -6.90 17.24 16.92
CA GLN A 174 -8.12 18.04 16.93
C GLN A 174 -7.90 19.37 17.62
N ARG A 175 -7.19 19.37 18.75
CA ARG A 175 -6.96 20.60 19.49
C ARG A 175 -6.13 21.60 18.70
N ALA A 176 -5.23 21.11 17.84
CA ALA A 176 -4.36 22.01 17.10
C ALA A 176 -5.01 22.55 15.83
N SER A 177 -6.08 21.92 15.34
CA SER A 177 -6.60 22.25 14.02
C SER A 177 -7.18 23.65 13.95
N ARG A 178 -7.67 24.18 15.08
CA ARG A 178 -8.37 25.47 15.05
C ARG A 178 -7.44 26.59 14.62
N THR A 179 -6.32 26.77 15.33
CA THR A 179 -5.38 27.84 14.96
C THR A 179 -4.64 27.50 13.67
N MET A 180 -4.44 26.22 13.38
CA MET A 180 -3.79 25.84 12.13
C MET A 180 -4.61 26.25 10.91
N GLN A 181 -5.93 26.17 11.01
CA GLN A 181 -6.79 26.61 9.93
C GLN A 181 -6.81 28.13 9.83
N ARG A 182 -6.68 28.84 10.96
CA ARG A 182 -6.60 30.29 10.94
C ARG A 182 -5.38 30.76 10.15
N LYS A 183 -4.20 30.26 10.52
CA LYS A 183 -2.94 30.71 9.96
C LYS A 183 -2.62 30.08 8.62
N ARG A 184 -3.50 29.21 8.10
CA ARG A 184 -3.28 28.54 6.81
C ARG A 184 -2.00 27.71 6.80
N PHE A 185 -1.60 27.17 7.96
CA PHE A 185 -0.43 26.32 8.04
C PHE A 185 -0.61 25.33 9.17
N GLY A 186 -0.15 24.10 8.95
CA GLY A 186 -0.24 23.07 9.96
C GLY A 186 0.46 21.79 9.54
N ARG A 187 1.30 21.25 10.44
CA ARG A 187 1.99 19.99 10.20
C ARG A 187 1.62 19.04 11.33
N ILE A 188 0.80 18.04 11.01
CA ILE A 188 0.38 17.03 11.97
C ILE A 188 1.17 15.77 11.64
N ILE A 189 2.19 15.48 12.45
CA ILE A 189 3.09 14.36 12.23
C ILE A 189 2.78 13.28 13.26
N PHE A 190 2.22 12.17 12.80
CA PHE A 190 1.94 11.03 13.65
C PHE A 190 3.14 10.08 13.65
N ILE A 191 3.46 9.54 14.81
CA ILE A 191 4.50 8.53 14.94
C ILE A 191 3.80 7.17 14.97
N GLY A 192 3.77 6.51 13.82
CA GLY A 192 3.12 5.21 13.72
C GLY A 192 4.08 4.07 14.01
N SER A 193 4.04 3.03 13.18
CA SER A 193 4.91 1.87 13.35
C SER A 193 4.81 1.01 12.10
N VAL A 194 5.87 0.23 11.88
CA VAL A 194 5.85 -0.76 10.81
C VAL A 194 4.71 -1.75 11.02
N SER A 195 4.35 -2.02 12.29
CA SER A 195 3.31 -2.99 12.60
C SER A 195 1.94 -2.56 12.09
N GLY A 196 1.76 -1.28 11.76
CA GLY A 196 0.48 -0.84 11.25
C GLY A 196 0.07 -1.54 9.96
N MET A 197 1.01 -1.67 9.02
CA MET A 197 0.75 -2.36 7.76
C MET A 197 1.42 -3.72 7.65
N TRP A 198 2.49 -3.96 8.41
CA TRP A 198 3.18 -5.25 8.38
C TRP A 198 2.55 -6.27 9.32
N GLY A 199 1.95 -5.80 10.42
CA GLY A 199 1.22 -6.67 11.32
C GLY A 199 2.08 -7.59 12.18
N ILE A 200 2.84 -7.00 13.11
CA ILE A 200 3.60 -7.81 14.05
C ILE A 200 2.64 -8.63 14.90
N GLY A 201 2.96 -9.91 15.07
CA GLY A 201 2.10 -10.79 15.85
C GLY A 201 1.96 -10.33 17.29
N ASN A 202 0.86 -10.77 17.91
CA ASN A 202 0.53 -10.45 19.30
C ASN A 202 0.33 -8.95 19.51
N GLN A 203 -0.10 -8.25 18.47
CA GLN A 203 -0.30 -6.80 18.53
C GLN A 203 -1.62 -6.42 17.87
N ALA A 204 -2.69 -7.10 18.23
CA ALA A 204 -4.00 -6.75 17.70
C ALA A 204 -4.36 -5.30 18.05
N ASN A 205 -4.04 -4.88 19.28
CA ASN A 205 -4.33 -3.50 19.69
C ASN A 205 -3.31 -2.52 19.09
N TYR A 206 -2.03 -2.85 19.20
CA TYR A 206 -0.98 -1.93 18.77
C TYR A 206 -1.02 -1.70 17.26
N ALA A 207 -1.15 -2.78 16.49
CA ALA A 207 -1.21 -2.63 15.04
C ALA A 207 -2.47 -1.90 14.59
N ALA A 208 -3.60 -2.11 15.29
CA ALA A 208 -4.82 -1.40 14.94
C ALA A 208 -4.68 0.10 15.21
N ALA A 209 -4.04 0.46 16.34
CA ALA A 209 -3.84 1.87 16.65
C ALA A 209 -2.89 2.52 15.65
N LYS A 210 -1.79 1.83 15.30
CA LYS A 210 -0.81 2.43 14.40
C LYS A 210 -1.34 2.49 12.98
N ALA A 211 -2.13 1.50 12.56
CA ALA A 211 -2.76 1.58 11.25
C ALA A 211 -3.83 2.65 11.20
N GLY A 212 -4.57 2.83 12.30
CA GLY A 212 -5.54 3.91 12.38
C GLY A 212 -4.96 5.29 12.21
N LEU A 213 -3.67 5.48 12.56
CA LEU A 213 -3.04 6.77 12.33
C LEU A 213 -2.94 7.10 10.85
N ILE A 214 -2.79 6.09 10.01
CA ILE A 214 -2.74 6.33 8.56
C ILE A 214 -4.09 6.81 8.06
N GLY A 215 -5.16 6.12 8.45
CA GLY A 215 -6.49 6.52 8.01
C GLY A 215 -6.89 7.90 8.51
N MET A 216 -6.56 8.20 9.77
CA MET A 216 -6.86 9.53 10.31
C MET A 216 -6.04 10.60 9.60
N ALA A 217 -4.76 10.35 9.36
CA ALA A 217 -3.92 11.34 8.70
C ALA A 217 -4.38 11.61 7.28
N ARG A 218 -4.91 10.59 6.59
CA ARG A 218 -5.37 10.78 5.21
C ARG A 218 -6.74 11.44 5.15
N SER A 219 -7.61 11.18 6.14
CA SER A 219 -8.88 11.89 6.20
C SER A 219 -8.68 13.35 6.54
N ILE A 220 -7.73 13.65 7.44
CA ILE A 220 -7.42 15.04 7.75
C ILE A 220 -6.80 15.74 6.55
N SER A 221 -5.93 15.04 5.81
CA SER A 221 -5.25 15.67 4.69
C SER A 221 -6.22 16.01 3.57
N ARG A 222 -7.12 15.08 3.23
CA ARG A 222 -8.06 15.34 2.13
C ARG A 222 -8.97 16.52 2.43
N GLU A 223 -9.23 16.79 3.71
CA GLU A 223 -10.08 17.91 4.10
C GLU A 223 -9.32 19.24 4.19
N LEU A 224 -8.12 19.22 4.77
CA LEU A 224 -7.44 20.45 5.15
C LEU A 224 -6.20 20.78 4.32
N ALA A 225 -5.81 19.93 3.37
CA ALA A 225 -4.62 20.22 2.58
C ALA A 225 -4.78 21.48 1.75
N LYS A 226 -6.02 21.80 1.34
CA LYS A 226 -6.25 23.04 0.61
C LYS A 226 -5.97 24.27 1.48
N ALA A 227 -6.09 24.14 2.80
CA ALA A 227 -5.83 25.23 3.73
C ALA A 227 -4.42 25.21 4.29
N GLY A 228 -3.51 24.46 3.69
CA GLY A 228 -2.14 24.39 4.15
C GLY A 228 -1.91 23.53 5.37
N VAL A 229 -2.87 22.70 5.74
CA VAL A 229 -2.76 21.82 6.90
C VAL A 229 -2.69 20.39 6.39
N THR A 230 -1.54 19.73 6.58
CA THR A 230 -1.33 18.37 6.13
C THR A 230 -1.07 17.47 7.32
N ALA A 231 -1.28 16.17 7.10
CA ALA A 231 -1.05 15.17 8.13
C ALA A 231 -0.34 13.98 7.51
N ASN A 232 0.79 13.59 8.11
CA ASN A 232 1.59 12.47 7.62
C ASN A 232 2.00 11.58 8.79
N VAL A 233 2.45 10.38 8.47
CA VAL A 233 2.81 9.37 9.45
C VAL A 233 4.24 8.93 9.21
N VAL A 234 5.05 8.93 10.27
CA VAL A 234 6.37 8.31 10.25
C VAL A 234 6.23 6.95 10.91
N ALA A 235 6.48 5.88 10.14
CA ALA A 235 6.34 4.51 10.62
C ALA A 235 7.72 3.91 10.85
N PRO A 236 8.26 3.96 12.07
CA PRO A 236 9.57 3.38 12.32
C PRO A 236 9.48 1.87 12.50
N GLY A 237 10.62 1.22 12.25
CA GLY A 237 10.78 -0.18 12.56
C GLY A 237 11.32 -0.37 13.96
N TYR A 238 12.14 -1.39 14.16
CA TYR A 238 12.77 -1.60 15.46
C TYR A 238 13.84 -0.52 15.67
N ILE A 239 13.61 0.35 16.65
CA ILE A 239 14.51 1.46 16.94
C ILE A 239 15.13 1.24 18.31
N ASP A 240 16.43 1.52 18.42
CA ASP A 240 17.16 1.32 19.66
C ASP A 240 16.88 2.47 20.61
N THR A 241 16.25 2.15 21.76
CA THR A 241 16.02 3.11 22.82
C THR A 241 16.65 2.67 24.14
N GLU A 242 17.67 1.83 24.07
CA GLU A 242 18.30 1.30 25.29
C GLU A 242 19.08 2.40 25.99
N MET A 243 18.95 2.44 27.32
CA MET A 243 19.72 3.37 28.13
C MET A 243 21.05 2.80 28.60
N THR A 244 21.23 1.50 28.51
CA THR A 244 22.45 0.83 28.92
C THR A 244 23.04 0.05 27.75
N ARG A 245 24.20 -0.56 27.98
CA ARG A 245 24.85 -1.40 26.97
C ARG A 245 24.18 -2.76 26.82
N ALA A 246 23.11 -3.03 27.58
CA ALA A 246 22.50 -4.35 27.57
C ALA A 246 21.97 -4.70 26.18
N LEU A 247 21.97 -5.99 25.88
CA LEU A 247 21.50 -6.47 24.58
C LEU A 247 20.01 -6.20 24.42
N ASP A 248 19.61 -5.84 23.19
CA ASP A 248 18.21 -5.62 22.89
C ASP A 248 17.48 -6.95 22.93
N GLU A 249 16.46 -7.04 23.78
CA GLU A 249 15.74 -8.30 23.94
C GLU A 249 14.95 -8.68 22.69
N ARG A 250 14.55 -7.69 21.89
CA ARG A 250 13.90 -7.99 20.62
C ARG A 250 14.90 -8.58 19.62
N ILE A 251 16.13 -8.07 19.63
CA ILE A 251 17.17 -8.62 18.77
C ILE A 251 17.47 -10.06 19.15
N GLN A 252 17.58 -10.33 20.45
CA GLN A 252 17.81 -11.69 20.93
C GLN A 252 16.69 -12.64 20.54
N ALA A 253 15.50 -12.12 20.27
CA ALA A 253 14.37 -12.92 19.84
C ALA A 253 14.33 -13.14 18.33
N GLY A 254 15.27 -12.55 17.59
CA GLY A 254 15.35 -12.73 16.16
C GLY A 254 14.73 -11.64 15.31
N ALA A 255 14.64 -10.41 15.82
CA ALA A 255 14.03 -9.33 15.06
C ALA A 255 14.82 -9.00 13.79
N LEU A 256 16.13 -9.22 13.81
CA LEU A 256 16.96 -8.92 12.64
C LEU A 256 16.63 -9.82 11.44
N ASP A 257 15.92 -10.93 11.67
CA ASP A 257 15.54 -11.82 10.57
C ASP A 257 14.51 -11.21 9.64
N PHE A 258 13.88 -10.10 10.05
CA PHE A 258 12.85 -9.46 9.24
C PHE A 258 13.26 -8.08 8.74
N ILE A 259 14.46 -7.62 9.08
CA ILE A 259 14.97 -6.32 8.68
C ILE A 259 16.04 -6.54 7.62
N PRO A 260 15.79 -6.19 6.36
CA PRO A 260 16.84 -6.34 5.33
C PRO A 260 18.11 -5.56 5.66
N ALA A 261 18.01 -4.47 6.41
CA ALA A 261 19.21 -3.72 6.78
C ALA A 261 20.07 -4.46 7.79
N LYS A 262 19.53 -5.49 8.45
CA LYS A 262 20.27 -6.31 9.41
C LYS A 262 20.77 -5.50 10.60
N ARG A 263 20.05 -4.44 10.95
CA ARG A 263 20.35 -3.64 12.13
C ARG A 263 19.09 -2.91 12.55
N VAL A 264 19.06 -2.49 13.80
CA VAL A 264 17.97 -1.68 14.32
C VAL A 264 18.28 -0.21 14.05
N GLY A 265 17.23 0.60 13.96
CA GLY A 265 17.40 2.02 13.77
C GLY A 265 17.71 2.74 15.06
N THR A 266 18.16 3.98 14.93
CA THR A 266 18.40 4.85 16.07
C THR A 266 17.28 5.89 16.17
N ALA A 267 17.12 6.44 17.38
CA ALA A 267 16.11 7.47 17.58
C ALA A 267 16.41 8.71 16.77
N GLU A 268 17.69 8.99 16.51
CA GLU A 268 18.05 10.15 15.72
C GLU A 268 17.63 10.01 14.26
N GLU A 269 17.60 8.77 13.75
CA GLU A 269 17.15 8.56 12.37
C GLU A 269 15.65 8.83 12.23
N VAL A 270 14.86 8.42 13.22
CA VAL A 270 13.44 8.78 13.24
C VAL A 270 13.28 10.29 13.33
N ALA A 271 14.07 10.93 14.19
CA ALA A 271 14.02 12.38 14.31
C ALA A 271 14.42 13.05 13.00
N GLY A 272 15.32 12.44 12.24
CA GLY A 272 15.67 12.99 10.93
C GLY A 272 14.49 12.99 9.98
N ALA A 273 13.67 11.95 10.03
CA ALA A 273 12.47 11.91 9.19
C ALA A 273 11.43 12.92 9.66
N VAL A 274 11.32 13.11 10.97
CA VAL A 274 10.39 14.11 11.50
C VAL A 274 10.86 15.52 11.14
N SER A 275 12.17 15.76 11.20
CA SER A 275 12.72 17.06 10.84
C SER A 275 12.43 17.41 9.38
N PHE A 276 12.43 16.41 8.50
CA PHE A 276 12.12 16.66 7.09
C PHE A 276 10.65 17.06 6.92
N LEU A 277 9.74 16.35 7.61
CA LEU A 277 8.32 16.67 7.48
C LEU A 277 7.97 18.01 8.10
N ALA A 278 8.75 18.45 9.10
CA ALA A 278 8.51 19.75 9.73
C ALA A 278 9.19 20.90 9.00
N SER A 279 9.99 20.62 7.98
CA SER A 279 10.77 21.65 7.30
C SER A 279 9.97 22.21 6.12
N GLU A 280 10.62 23.10 5.37
CA GLU A 280 10.01 23.71 4.19
C GLU A 280 10.12 22.82 2.95
N ASP A 281 10.78 21.67 3.05
CA ASP A 281 10.92 20.75 1.93
C ASP A 281 9.79 19.72 1.86
N ALA A 282 8.74 19.87 2.66
CA ALA A 282 7.66 18.89 2.68
C ALA A 282 6.29 19.55 2.66
N SER A 283 6.17 20.72 2.03
CA SER A 283 4.89 21.40 1.97
C SER A 283 3.90 20.76 1.01
N TYR A 284 4.37 19.90 0.09
CA TYR A 284 3.51 19.24 -0.87
C TYR A 284 3.31 17.76 -0.56
N ILE A 285 3.53 17.36 0.69
CA ILE A 285 3.42 15.98 1.13
C ILE A 285 2.25 15.88 2.10
N ALA A 286 1.27 15.05 1.78
CA ALA A 286 0.07 14.93 2.60
C ALA A 286 -0.42 13.49 2.56
N GLY A 287 -0.76 12.96 3.73
CA GLY A 287 -1.25 11.60 3.82
C GLY A 287 -0.21 10.53 3.57
N ALA A 288 1.06 10.84 3.74
CA ALA A 288 2.15 9.93 3.40
C ALA A 288 2.59 9.12 4.62
N VAL A 289 3.07 7.91 4.35
CA VAL A 289 3.68 7.05 5.35
C VAL A 289 5.17 6.98 5.03
N ILE A 290 5.99 7.53 5.92
CA ILE A 290 7.45 7.50 5.75
C ILE A 290 8.01 6.35 6.56
N PRO A 291 8.40 5.24 5.94
CA PRO A 291 8.90 4.08 6.68
C PRO A 291 10.37 4.25 7.03
N VAL A 292 10.67 4.24 8.33
CA VAL A 292 12.05 4.26 8.82
C VAL A 292 12.30 2.91 9.49
N ASP A 293 12.42 1.86 8.67
CA ASP A 293 12.44 0.50 9.17
C ASP A 293 13.52 -0.38 8.53
N GLY A 294 14.46 0.21 7.79
CA GLY A 294 15.45 -0.58 7.09
C GLY A 294 14.88 -1.56 6.10
N GLY A 295 13.75 -1.23 5.47
CA GLY A 295 13.11 -2.08 4.51
C GLY A 295 12.28 -3.21 5.08
N MET A 296 11.99 -3.18 6.39
CA MET A 296 11.29 -4.31 7.01
C MET A 296 9.84 -4.41 6.54
N GLY A 297 9.14 -3.27 6.46
CA GLY A 297 7.73 -3.30 6.17
C GLY A 297 7.35 -3.28 4.71
N MET A 298 8.29 -3.64 3.82
CA MET A 298 8.01 -3.65 2.39
C MET A 298 6.94 -4.69 2.07
N GLY A 299 5.93 -4.29 1.32
CA GLY A 299 4.86 -5.19 0.95
C GLY A 299 3.62 -4.42 0.52
N HIS A 300 2.48 -5.05 0.71
CA HIS A 300 1.20 -4.45 0.31
C HIS A 300 0.07 -4.97 1.19
N ALA B 59 -5.40 -33.91 -7.90
CA ALA B 59 -5.99 -32.64 -7.49
C ALA B 59 -7.29 -32.37 -8.24
N THR B 60 -8.31 -31.93 -7.51
CA THR B 60 -9.59 -31.61 -8.13
C THR B 60 -9.46 -30.35 -8.98
N ALA B 61 -10.01 -30.40 -10.19
CA ALA B 61 -9.89 -29.29 -11.13
C ALA B 61 -11.02 -28.28 -10.98
N GLY B 62 -12.19 -28.70 -10.52
CA GLY B 62 -13.34 -27.83 -10.39
C GLY B 62 -13.40 -27.14 -9.03
N ARG B 63 -14.57 -26.58 -8.75
CA ARG B 63 -14.79 -25.91 -7.49
C ARG B 63 -14.68 -26.91 -6.34
N PRO B 64 -13.98 -26.57 -5.26
CA PRO B 64 -13.82 -27.50 -4.14
C PRO B 64 -15.17 -27.84 -3.51
N ALA B 65 -15.22 -29.01 -2.89
CA ALA B 65 -16.44 -29.45 -2.24
C ALA B 65 -16.83 -28.47 -1.14
N PHE B 66 -18.07 -28.00 -1.19
CA PHE B 66 -18.53 -27.00 -0.23
C PHE B 66 -18.59 -27.59 1.17
N VAL B 67 -18.22 -26.78 2.16
CA VAL B 67 -18.29 -27.15 3.56
C VAL B 67 -19.19 -26.13 4.25
N SER B 68 -20.25 -26.62 4.90
CA SER B 68 -21.17 -25.74 5.61
C SER B 68 -20.53 -25.32 6.94
N ARG B 69 -20.34 -24.01 7.11
CA ARG B 69 -19.70 -23.46 8.29
C ARG B 69 -20.74 -22.85 9.23
N SER B 70 -20.32 -22.63 10.47
CA SER B 70 -21.10 -21.89 11.45
C SER B 70 -20.72 -20.41 11.31
N VAL B 71 -21.65 -19.62 10.80
CA VAL B 71 -21.39 -18.22 10.46
C VAL B 71 -22.09 -17.32 11.47
N LEU B 72 -21.39 -16.27 11.90
CA LEU B 72 -21.99 -15.20 12.70
C LEU B 72 -21.70 -13.89 12.00
N VAL B 73 -22.75 -13.12 11.72
CA VAL B 73 -22.64 -11.83 11.05
C VAL B 73 -23.15 -10.77 12.02
N THR B 74 -22.24 -9.96 12.54
CA THR B 74 -22.64 -8.87 13.44
C THR B 74 -23.33 -7.77 12.64
N GLY B 75 -24.41 -7.24 13.18
CA GLY B 75 -25.20 -6.26 12.47
C GLY B 75 -25.86 -6.81 11.23
N GLY B 76 -26.33 -8.06 11.27
CA GLY B 76 -26.95 -8.68 10.11
C GLY B 76 -28.45 -8.60 10.10
N ASN B 77 -29.00 -7.57 10.77
CA ASN B 77 -30.45 -7.39 10.79
C ASN B 77 -30.96 -6.46 9.69
N ARG B 78 -30.07 -5.69 9.07
CA ARG B 78 -30.45 -4.79 7.98
C ARG B 78 -29.17 -4.34 7.27
N GLY B 79 -29.37 -3.73 6.10
CA GLY B 79 -28.25 -3.16 5.37
C GLY B 79 -27.37 -4.22 4.73
N ILE B 80 -26.07 -3.94 4.73
CA ILE B 80 -25.11 -4.84 4.10
C ILE B 80 -25.01 -6.15 4.87
N GLY B 81 -25.07 -6.08 6.20
CA GLY B 81 -24.98 -7.31 7.00
C GLY B 81 -26.09 -8.29 6.70
N LEU B 82 -27.30 -7.78 6.42
CA LEU B 82 -28.40 -8.66 6.07
C LEU B 82 -28.17 -9.35 4.73
N ALA B 83 -27.60 -8.62 3.76
CA ALA B 83 -27.30 -9.22 2.48
C ALA B 83 -26.18 -10.24 2.58
N ILE B 84 -25.18 -9.95 3.42
CA ILE B 84 -24.07 -10.89 3.63
C ILE B 84 -24.59 -12.18 4.24
N ALA B 85 -25.47 -12.08 5.23
CA ALA B 85 -25.99 -13.28 5.90
C ALA B 85 -26.87 -14.10 4.97
N ARG B 86 -27.75 -13.45 4.22
CA ARG B 86 -28.61 -14.17 3.29
C ARG B 86 -27.81 -14.85 2.19
N ARG B 87 -26.71 -14.24 1.75
CA ARG B 87 -25.85 -14.87 0.76
C ARG B 87 -25.14 -16.10 1.34
N LEU B 88 -24.52 -15.95 2.51
CA LEU B 88 -23.83 -17.07 3.13
C LEU B 88 -24.80 -18.20 3.46
N ALA B 89 -26.05 -17.87 3.83
CA ALA B 89 -27.04 -18.91 4.05
C ALA B 89 -27.43 -19.59 2.75
N ALA B 90 -27.51 -18.83 1.65
CA ALA B 90 -27.79 -19.43 0.36
C ALA B 90 -26.65 -20.31 -0.12
N ASP B 91 -25.43 -20.04 0.34
CA ASP B 91 -24.30 -20.90 -0.01
C ASP B 91 -24.43 -22.28 0.65
N GLY B 92 -25.06 -22.35 1.82
CA GLY B 92 -25.23 -23.60 2.52
C GLY B 92 -24.76 -23.53 3.96
N HIS B 93 -24.25 -22.38 4.36
CA HIS B 93 -23.76 -22.21 5.72
C HIS B 93 -24.92 -22.10 6.70
N LYS B 94 -24.62 -22.41 7.97
CA LYS B 94 -25.55 -22.18 9.07
C LYS B 94 -25.25 -20.78 9.61
N VAL B 95 -26.12 -19.83 9.29
CA VAL B 95 -25.87 -18.41 9.51
C VAL B 95 -26.70 -17.92 10.68
N ALA B 96 -26.03 -17.25 11.63
CA ALA B 96 -26.69 -16.55 12.73
C ALA B 96 -26.30 -15.08 12.67
N VAL B 97 -27.23 -14.21 13.06
CA VAL B 97 -27.04 -12.77 13.00
C VAL B 97 -27.27 -12.18 14.38
N THR B 98 -26.68 -11.01 14.61
CA THR B 98 -26.88 -10.26 15.84
C THR B 98 -27.81 -9.08 15.58
N HIS B 99 -28.56 -8.70 16.62
CA HIS B 99 -29.45 -7.56 16.56
C HIS B 99 -29.47 -6.90 17.93
N ARG B 100 -30.21 -5.80 18.03
CA ARG B 100 -30.30 -5.01 19.27
C ARG B 100 -31.75 -4.74 19.64
N GLY B 101 -32.58 -5.78 19.62
CA GLY B 101 -33.95 -5.69 20.05
C GLY B 101 -34.97 -5.54 18.95
N SER B 102 -34.56 -5.04 17.78
CA SER B 102 -35.50 -4.91 16.66
C SER B 102 -36.00 -6.26 16.17
N GLY B 103 -35.27 -7.33 16.47
CA GLY B 103 -35.66 -8.64 15.99
C GLY B 103 -35.01 -8.99 14.67
N ALA B 104 -34.39 -10.15 14.60
CA ALA B 104 -33.80 -10.62 13.36
C ALA B 104 -34.91 -10.87 12.34
N PRO B 105 -34.57 -10.79 11.04
CA PRO B 105 -35.57 -11.09 10.01
C PRO B 105 -36.05 -12.53 10.12
N ASP B 106 -37.22 -12.78 9.54
CA ASP B 106 -37.90 -14.07 9.70
C ASP B 106 -37.14 -15.24 9.08
N ASP B 107 -36.07 -14.98 8.34
CA ASP B 107 -35.37 -16.03 7.60
C ASP B 107 -34.03 -16.42 8.22
N LEU B 108 -33.66 -15.87 9.37
CA LEU B 108 -32.35 -16.14 9.95
C LEU B 108 -32.45 -16.23 11.46
N PHE B 109 -31.63 -17.12 12.04
CA PHE B 109 -31.54 -17.22 13.49
C PHE B 109 -30.82 -15.99 14.04
N GLY B 110 -31.42 -15.35 15.03
CA GLY B 110 -30.91 -14.10 15.55
C GLY B 110 -30.60 -14.16 17.03
N VAL B 111 -29.50 -13.52 17.43
CA VAL B 111 -29.13 -13.34 18.82
C VAL B 111 -29.02 -11.84 19.09
N GLN B 112 -29.19 -11.47 20.34
CA GLN B 112 -29.10 -10.07 20.76
C GLN B 112 -27.69 -9.79 21.27
N CYS B 113 -27.06 -8.78 20.69
CA CYS B 113 -25.66 -8.48 21.04
C CYS B 113 -25.33 -7.08 20.59
N ASP B 114 -24.86 -6.26 21.52
CA ASP B 114 -24.28 -4.96 21.23
C ASP B 114 -22.76 -5.10 21.31
N VAL B 115 -22.07 -4.81 20.20
CA VAL B 115 -20.64 -5.11 20.08
C VAL B 115 -19.80 -4.23 20.97
N THR B 116 -20.43 -3.28 21.66
CA THR B 116 -19.73 -2.46 22.65
C THR B 116 -19.71 -3.09 24.03
N ASP B 117 -20.37 -4.24 24.21
CA ASP B 117 -20.48 -4.91 25.51
C ASP B 117 -19.78 -6.26 25.39
N SER B 118 -18.64 -6.40 26.06
CA SER B 118 -17.90 -7.66 26.01
C SER B 118 -18.69 -8.81 26.60
N ALA B 119 -19.53 -8.53 27.61
CA ALA B 119 -20.35 -9.58 28.20
C ALA B 119 -21.43 -10.03 27.23
N ALA B 120 -22.06 -9.08 26.51
CA ALA B 120 -23.06 -9.45 25.53
C ALA B 120 -22.46 -10.20 24.36
N VAL B 121 -21.21 -9.88 23.99
CA VAL B 121 -20.53 -10.64 22.94
C VAL B 121 -20.23 -12.05 23.43
N ASP B 122 -19.86 -12.20 24.70
CA ASP B 122 -19.56 -13.51 25.24
C ASP B 122 -20.81 -14.40 25.28
N ARG B 123 -21.95 -13.83 25.64
CA ARG B 123 -23.19 -14.61 25.65
C ARG B 123 -23.71 -14.87 24.25
N ALA B 124 -23.42 -13.98 23.30
CA ALA B 124 -23.90 -14.17 21.93
C ALA B 124 -23.24 -15.38 21.29
N PHE B 125 -21.92 -15.49 21.41
CA PHE B 125 -21.23 -16.67 20.88
C PHE B 125 -21.67 -17.94 21.60
N LYS B 126 -22.05 -17.83 22.88
CA LYS B 126 -22.58 -18.97 23.61
C LYS B 126 -23.91 -19.43 23.01
N GLU B 127 -24.80 -18.49 22.69
CA GLU B 127 -26.08 -18.84 22.09
C GLU B 127 -25.90 -19.38 20.68
N VAL B 128 -24.95 -18.82 19.93
CA VAL B 128 -24.68 -19.34 18.59
C VAL B 128 -24.12 -20.76 18.66
N GLU B 129 -23.21 -21.00 19.60
CA GLU B 129 -22.61 -22.34 19.71
C GLU B 129 -23.66 -23.38 20.08
N GLU B 130 -24.63 -23.02 20.91
CA GLU B 130 -25.66 -23.97 21.32
C GLU B 130 -26.67 -24.25 20.22
N HIS B 131 -26.73 -23.40 19.19
CA HIS B 131 -27.69 -23.54 18.12
C HIS B 131 -27.11 -24.20 16.87
N GLN B 132 -25.82 -24.01 16.58
CA GLN B 132 -25.25 -24.50 15.33
C GLN B 132 -23.77 -24.84 15.44
N GLY B 133 -23.23 -24.99 16.63
CA GLY B 133 -21.82 -25.25 16.81
C GLY B 133 -21.02 -23.96 16.94
N PRO B 134 -19.77 -24.07 17.42
CA PRO B 134 -18.96 -22.86 17.61
C PRO B 134 -18.69 -22.16 16.29
N VAL B 135 -18.51 -20.84 16.38
CA VAL B 135 -18.36 -20.01 15.18
C VAL B 135 -17.09 -20.38 14.44
N GLU B 136 -17.23 -20.69 13.15
CA GLU B 136 -16.10 -20.95 12.26
C GLU B 136 -15.77 -19.78 11.36
N VAL B 137 -16.79 -19.01 10.97
CA VAL B 137 -16.62 -17.83 10.12
C VAL B 137 -17.29 -16.66 10.82
N LEU B 138 -16.49 -15.63 11.13
CA LEU B 138 -16.99 -14.43 11.77
C LEU B 138 -16.91 -13.28 10.78
N VAL B 139 -18.04 -12.58 10.60
CA VAL B 139 -18.12 -11.42 9.72
C VAL B 139 -18.44 -10.22 10.61
N ALA B 140 -17.41 -9.47 10.98
CA ALA B 140 -17.56 -8.27 11.81
C ALA B 140 -18.06 -7.14 10.90
N ASN B 141 -19.37 -7.04 10.76
CA ASN B 141 -20.00 -6.07 9.87
C ASN B 141 -20.56 -4.85 10.60
N ALA B 142 -20.91 -4.98 11.87
CA ALA B 142 -21.49 -3.87 12.61
C ALA B 142 -20.57 -2.66 12.59
N GLY B 143 -21.15 -1.49 12.37
CA GLY B 143 -20.41 -0.25 12.31
C GLY B 143 -21.27 0.97 12.13
N ILE B 144 -20.79 2.12 12.58
CA ILE B 144 -21.53 3.38 12.49
C ILE B 144 -20.59 4.45 11.92
N SER B 145 -21.18 5.57 11.54
CA SER B 145 -20.42 6.71 11.06
C SER B 145 -20.97 7.99 11.66
N LYS B 146 -20.08 8.79 12.25
CA LYS B 146 -20.43 10.09 12.86
C LYS B 146 -19.50 11.12 12.24
N ASP B 147 -19.84 11.57 11.04
CA ASP B 147 -18.98 12.49 10.30
C ASP B 147 -19.01 13.88 10.93
N ALA B 148 -17.88 14.58 10.81
CA ALA B 148 -17.72 15.96 11.26
C ALA B 148 -16.37 16.46 10.78
N PHE B 149 -16.28 17.77 10.58
CA PHE B 149 -14.98 18.37 10.30
C PHE B 149 -14.05 18.17 11.49
N LEU B 150 -12.74 18.12 11.21
CA LEU B 150 -11.76 17.89 12.27
C LEU B 150 -11.91 18.89 13.41
N MET B 151 -12.10 20.17 13.07
CA MET B 151 -12.25 21.18 14.10
C MET B 151 -13.52 20.98 14.92
N ARG B 152 -14.55 20.37 14.33
CA ARG B 152 -15.84 20.19 14.99
C ARG B 152 -16.02 18.81 15.61
N MET B 153 -15.07 17.90 15.43
CA MET B 153 -15.21 16.55 15.95
C MET B 153 -14.84 16.50 17.43
N THR B 154 -15.73 15.95 18.24
CA THR B 154 -15.54 15.86 19.68
C THR B 154 -14.94 14.52 20.07
N GLU B 155 -14.50 14.43 21.33
CA GLU B 155 -13.96 13.19 21.86
C GLU B 155 -15.03 12.11 21.90
N GLU B 156 -16.24 12.44 22.34
CA GLU B 156 -17.32 11.46 22.38
C GLU B 156 -17.66 10.97 20.97
N ARG B 157 -17.69 11.88 20.00
CA ARG B 157 -18.01 11.50 18.63
C ARG B 157 -16.90 10.65 18.02
N PHE B 158 -15.65 10.91 18.39
CA PHE B 158 -14.55 10.09 17.89
C PHE B 158 -14.54 8.72 18.53
N GLU B 159 -14.67 8.66 19.86
CA GLU B 159 -14.56 7.39 20.57
C GLU B 159 -15.75 6.49 20.31
N GLU B 160 -16.93 7.07 20.04
CA GLU B 160 -18.11 6.25 19.78
C GLU B 160 -17.93 5.44 18.50
N VAL B 161 -17.36 6.04 17.46
CA VAL B 161 -17.11 5.32 16.22
C VAL B 161 -16.02 4.28 16.42
N ILE B 162 -15.00 4.60 17.23
CA ILE B 162 -13.92 3.65 17.48
C ILE B 162 -14.42 2.47 18.29
N ASN B 163 -15.25 2.71 19.31
CA ASN B 163 -15.68 1.64 20.20
C ASN B 163 -16.56 0.62 19.48
N THR B 164 -17.29 1.05 18.46
CA THR B 164 -18.17 0.15 17.71
C THR B 164 -17.46 -0.48 16.52
N ASN B 165 -16.84 0.35 15.67
CA ASN B 165 -16.26 -0.15 14.43
C ASN B 165 -14.98 -0.93 14.67
N LEU B 166 -14.09 -0.41 15.51
CA LEU B 166 -12.79 -1.01 15.74
C LEU B 166 -12.79 -1.93 16.96
N THR B 167 -13.04 -1.38 18.15
CA THR B 167 -13.02 -2.18 19.36
C THR B 167 -14.10 -3.25 19.34
N GLY B 168 -15.28 -2.91 18.81
CA GLY B 168 -16.33 -3.90 18.69
C GLY B 168 -15.97 -5.06 17.76
N ALA B 169 -15.17 -4.77 16.73
CA ALA B 169 -14.66 -5.85 15.88
C ALA B 169 -13.62 -6.69 16.60
N PHE B 170 -12.82 -6.07 17.48
CA PHE B 170 -11.85 -6.83 18.26
C PHE B 170 -12.55 -7.76 19.26
N ARG B 171 -13.61 -7.27 19.91
CA ARG B 171 -14.32 -8.09 20.90
C ARG B 171 -14.83 -9.38 20.27
N CYS B 172 -15.41 -9.29 19.07
CA CYS B 172 -15.91 -10.48 18.41
C CYS B 172 -14.76 -11.36 17.91
N ALA B 173 -13.69 -10.73 17.40
CA ALA B 173 -12.54 -11.50 16.93
C ALA B 173 -11.84 -12.20 18.07
N GLN B 174 -11.77 -11.56 19.24
CA GLN B 174 -11.14 -12.18 20.39
C GLN B 174 -11.98 -13.35 20.90
N ARG B 175 -13.30 -13.18 20.96
CA ARG B 175 -14.16 -14.19 21.55
C ARG B 175 -14.17 -15.49 20.73
N ALA B 176 -13.99 -15.39 19.42
CA ALA B 176 -14.02 -16.55 18.54
C ALA B 176 -12.65 -17.20 18.34
N SER B 177 -11.58 -16.59 18.84
CA SER B 177 -10.24 -17.01 18.45
C SER B 177 -9.84 -18.35 19.05
N ARG B 178 -10.21 -18.61 20.31
CA ARG B 178 -9.68 -19.80 20.99
C ARG B 178 -10.16 -21.09 20.34
N THR B 179 -11.47 -21.24 20.15
CA THR B 179 -11.99 -22.46 19.54
C THR B 179 -11.59 -22.56 18.06
N MET B 180 -11.34 -21.44 17.40
CA MET B 180 -10.84 -21.49 16.03
C MET B 180 -9.43 -22.09 15.99
N GLN B 181 -8.59 -21.74 16.96
CA GLN B 181 -7.24 -22.28 17.00
C GLN B 181 -7.24 -23.77 17.31
N ARG B 182 -8.09 -24.20 18.24
CA ARG B 182 -8.13 -25.62 18.61
C ARG B 182 -8.65 -26.47 17.46
N LYS B 183 -9.65 -25.98 16.73
CA LYS B 183 -10.20 -26.71 15.59
C LYS B 183 -9.35 -26.55 14.33
N ARG B 184 -8.32 -25.72 14.36
CA ARG B 184 -7.41 -25.52 13.23
C ARG B 184 -8.11 -24.92 12.02
N PHE B 185 -9.17 -24.15 12.24
CA PHE B 185 -9.86 -23.46 11.16
C PHE B 185 -10.47 -22.18 11.71
N GLY B 186 -10.36 -21.11 10.93
CA GLY B 186 -10.92 -19.83 11.34
C GLY B 186 -10.91 -18.80 10.22
N ARG B 187 -12.05 -18.16 10.00
CA ARG B 187 -12.19 -17.11 9.00
C ARG B 187 -12.76 -15.89 9.70
N ILE B 188 -11.93 -14.88 9.93
CA ILE B 188 -12.34 -13.61 10.52
C ILE B 188 -12.36 -12.58 9.41
N ILE B 189 -13.56 -12.13 9.04
CA ILE B 189 -13.74 -11.21 7.92
C ILE B 189 -14.25 -9.89 8.49
N PHE B 190 -13.38 -8.88 8.46
CA PHE B 190 -13.76 -7.54 8.89
C PHE B 190 -14.30 -6.76 7.70
N ILE B 191 -15.38 -6.00 7.93
CA ILE B 191 -15.95 -5.14 6.91
C ILE B 191 -15.35 -3.75 7.12
N GLY B 192 -14.35 -3.42 6.30
CA GLY B 192 -13.72 -2.13 6.38
C GLY B 192 -14.40 -1.09 5.52
N SER B 193 -13.61 -0.26 4.83
CA SER B 193 -14.14 0.77 3.96
C SER B 193 -13.00 1.33 3.12
N VAL B 194 -13.36 1.88 1.96
CA VAL B 194 -12.38 2.58 1.14
C VAL B 194 -11.74 3.73 1.91
N SER B 195 -12.51 4.35 2.81
CA SER B 195 -12.01 5.50 3.57
C SER B 195 -10.84 5.13 4.48
N GLY B 196 -10.64 3.84 4.77
CA GLY B 196 -9.53 3.46 5.64
C GLY B 196 -8.18 3.82 5.04
N MET B 197 -7.98 3.51 3.76
CA MET B 197 -6.73 3.84 3.09
C MET B 197 -6.85 5.05 2.18
N TRP B 198 -8.05 5.41 1.75
CA TRP B 198 -8.26 6.56 0.87
C TRP B 198 -8.50 7.85 1.63
N GLY B 199 -9.09 7.77 2.83
CA GLY B 199 -9.29 8.94 3.66
C GLY B 199 -10.36 9.89 3.17
N ILE B 200 -11.62 9.48 3.25
CA ILE B 200 -12.72 10.38 2.94
C ILE B 200 -12.72 11.53 3.95
N GLY B 201 -12.98 12.74 3.46
CA GLY B 201 -13.00 13.90 4.33
C GLY B 201 -14.09 13.82 5.39
N ASN B 202 -13.87 14.55 6.47
CA ASN B 202 -14.80 14.61 7.60
C ASN B 202 -14.98 13.27 8.28
N GLN B 203 -13.94 12.43 8.26
CA GLN B 203 -14.01 11.08 8.82
C GLN B 203 -12.74 10.74 9.57
N ALA B 204 -12.31 11.63 10.47
CA ALA B 204 -11.13 11.34 11.27
C ALA B 204 -11.34 10.14 12.18
N ASN B 205 -12.58 9.92 12.62
CA ASN B 205 -12.92 8.75 13.43
C ASN B 205 -13.19 7.51 12.58
N TYR B 206 -13.99 7.67 11.52
CA TYR B 206 -14.38 6.52 10.71
C TYR B 206 -13.20 5.94 9.94
N ALA B 207 -12.35 6.81 9.37
CA ALA B 207 -11.19 6.33 8.62
C ALA B 207 -10.15 5.70 9.55
N ALA B 208 -9.99 6.24 10.75
CA ALA B 208 -9.07 5.63 11.71
C ALA B 208 -9.54 4.25 12.13
N ALA B 209 -10.85 4.08 12.34
CA ALA B 209 -11.38 2.78 12.69
C ALA B 209 -11.24 1.78 11.55
N LYS B 210 -11.61 2.21 10.33
CA LYS B 210 -11.54 1.31 9.19
C LYS B 210 -10.10 0.98 8.81
N ALA B 211 -9.17 1.90 9.06
CA ALA B 211 -7.76 1.58 8.82
C ALA B 211 -7.21 0.67 9.93
N GLY B 212 -7.68 0.83 11.16
CA GLY B 212 -7.33 -0.05 12.25
C GLY B 212 -7.72 -1.50 12.03
N LEU B 213 -8.78 -1.74 11.27
CA LEU B 213 -9.17 -3.11 10.96
C LEU B 213 -8.10 -3.82 10.14
N ILE B 214 -7.38 -3.06 9.31
CA ILE B 214 -6.32 -3.66 8.48
C ILE B 214 -5.15 -4.10 9.35
N GLY B 215 -4.69 -3.21 10.24
CA GLY B 215 -3.58 -3.54 11.10
C GLY B 215 -3.88 -4.69 12.04
N MET B 216 -5.10 -4.71 12.58
CA MET B 216 -5.51 -5.80 13.46
C MET B 216 -5.57 -7.13 12.72
N ALA B 217 -6.20 -7.13 11.53
CA ALA B 217 -6.31 -8.37 10.76
C ALA B 217 -4.95 -8.91 10.37
N ARG B 218 -3.98 -8.03 10.13
CA ARG B 218 -2.65 -8.48 9.73
C ARG B 218 -1.82 -8.95 10.93
N SER B 219 -2.06 -8.38 12.11
CA SER B 219 -1.42 -8.91 13.31
C SER B 219 -2.03 -10.25 13.71
N ILE B 220 -3.34 -10.40 13.52
CA ILE B 220 -3.99 -11.68 13.78
C ILE B 220 -3.50 -12.73 12.80
N SER B 221 -3.39 -12.37 11.52
CA SER B 221 -2.98 -13.35 10.51
C SER B 221 -1.56 -13.83 10.74
N ARG B 222 -0.62 -12.91 10.98
CA ARG B 222 0.77 -13.32 11.20
C ARG B 222 0.91 -14.23 12.41
N GLU B 223 -0.01 -14.13 13.37
CA GLU B 223 0.04 -14.97 14.57
C GLU B 223 -0.65 -16.33 14.36
N LEU B 224 -1.81 -16.34 13.70
CA LEU B 224 -2.67 -17.52 13.66
C LEU B 224 -2.82 -18.17 12.30
N ALA B 225 -2.18 -17.65 11.24
CA ALA B 225 -2.30 -18.30 9.94
C ALA B 225 -1.70 -19.69 9.96
N LYS B 226 -0.66 -19.91 10.76
CA LYS B 226 -0.04 -21.23 10.87
C LYS B 226 -1.00 -22.26 11.43
N ALA B 227 -2.02 -21.82 12.18
CA ALA B 227 -3.04 -22.70 12.73
C ALA B 227 -4.32 -22.72 11.89
N GLY B 228 -4.26 -22.23 10.66
CA GLY B 228 -5.43 -22.22 9.81
C GLY B 228 -6.47 -21.18 10.13
N VAL B 229 -6.09 -20.10 10.83
CA VAL B 229 -6.99 -19.02 11.20
C VAL B 229 -6.50 -17.76 10.50
N THR B 230 -7.26 -17.30 9.52
CA THR B 230 -6.91 -16.11 8.76
C THR B 230 -7.85 -14.96 9.10
N ALA B 231 -7.36 -13.75 8.85
CA ALA B 231 -8.15 -12.54 9.08
C ALA B 231 -7.95 -11.62 7.89
N ASN B 232 -9.05 -11.21 7.26
CA ASN B 232 -9.03 -10.38 6.07
C ASN B 232 -10.03 -9.24 6.22
N VAL B 233 -9.92 -8.28 5.32
CA VAL B 233 -10.75 -7.07 5.35
C VAL B 233 -11.36 -6.88 3.97
N VAL B 234 -12.69 -6.79 3.91
CA VAL B 234 -13.40 -6.37 2.71
C VAL B 234 -13.69 -4.88 2.85
N ALA B 235 -13.16 -4.07 1.94
CA ALA B 235 -13.27 -2.62 2.01
C ALA B 235 -14.19 -2.12 0.90
N PRO B 236 -15.49 -1.98 1.17
CA PRO B 236 -16.41 -1.50 0.14
C PRO B 236 -16.29 0.00 -0.06
N GLY B 237 -16.60 0.43 -1.28
CA GLY B 237 -16.80 1.84 -1.59
C GLY B 237 -18.21 2.27 -1.23
N TYR B 238 -18.72 3.22 -1.99
CA TYR B 238 -20.11 3.65 -1.78
C TYR B 238 -21.06 2.56 -2.25
N ILE B 239 -21.87 2.03 -1.33
CA ILE B 239 -22.83 0.97 -1.61
C ILE B 239 -24.23 1.52 -1.34
N ASP B 240 -25.15 1.27 -2.26
CA ASP B 240 -26.51 1.77 -2.15
C ASP B 240 -27.31 0.88 -1.20
N THR B 241 -27.44 1.30 0.05
CA THR B 241 -28.25 0.59 1.03
C THR B 241 -29.00 1.58 1.91
N GLY B 254 -22.13 13.41 -5.88
CA GLY B 254 -20.84 13.97 -6.23
C GLY B 254 -19.69 13.02 -6.00
N ALA B 255 -19.98 11.88 -5.36
CA ALA B 255 -18.96 10.87 -5.09
C ALA B 255 -18.57 10.09 -6.33
N LEU B 256 -19.40 10.12 -7.38
CA LEU B 256 -19.11 9.36 -8.59
C LEU B 256 -17.88 9.88 -9.33
N ASP B 257 -17.44 11.11 -9.03
CA ASP B 257 -16.27 11.66 -9.69
C ASP B 257 -15.01 10.86 -9.36
N PHE B 258 -14.91 10.38 -8.12
CA PHE B 258 -13.75 9.62 -7.67
C PHE B 258 -13.91 8.12 -7.90
N ILE B 259 -15.04 7.68 -8.45
CA ILE B 259 -15.30 6.26 -8.69
C ILE B 259 -15.09 5.99 -10.17
N PRO B 260 -14.04 5.24 -10.56
CA PRO B 260 -13.84 4.95 -11.99
C PRO B 260 -14.98 4.17 -12.62
N ALA B 261 -15.71 3.37 -11.84
CA ALA B 261 -16.86 2.64 -12.39
C ALA B 261 -18.04 3.56 -12.69
N LYS B 262 -18.04 4.78 -12.18
CA LYS B 262 -19.12 5.75 -12.41
C LYS B 262 -20.46 5.25 -11.91
N ARG B 263 -20.45 4.46 -10.83
CA ARG B 263 -21.67 3.98 -10.21
C ARG B 263 -21.36 3.58 -8.78
N VAL B 264 -22.40 3.32 -8.01
CA VAL B 264 -22.28 2.83 -6.66
C VAL B 264 -22.49 1.32 -6.67
N GLY B 265 -21.91 0.64 -5.69
CA GLY B 265 -22.07 -0.79 -5.58
C GLY B 265 -23.37 -1.18 -4.88
N THR B 266 -23.68 -2.46 -4.94
CA THR B 266 -24.84 -3.01 -4.24
C THR B 266 -24.37 -3.86 -3.07
N ALA B 267 -25.29 -4.10 -2.13
CA ALA B 267 -24.97 -4.93 -0.98
C ALA B 267 -24.64 -6.36 -1.40
N GLU B 268 -25.23 -6.82 -2.51
CA GLU B 268 -24.96 -8.18 -2.98
C GLU B 268 -23.54 -8.31 -3.52
N GLU B 269 -22.96 -7.22 -4.02
CA GLU B 269 -21.58 -7.27 -4.51
C GLU B 269 -20.59 -7.34 -3.34
N VAL B 270 -20.90 -6.69 -2.23
CA VAL B 270 -20.09 -6.85 -1.02
C VAL B 270 -20.28 -8.25 -0.45
N ALA B 271 -21.52 -8.74 -0.46
CA ALA B 271 -21.78 -10.10 0.03
C ALA B 271 -21.11 -11.15 -0.83
N GLY B 272 -20.89 -10.85 -2.12
CA GLY B 272 -20.19 -11.79 -2.98
C GLY B 272 -18.73 -11.95 -2.58
N ALA B 273 -18.07 -10.84 -2.22
CA ALA B 273 -16.68 -10.93 -1.79
C ALA B 273 -16.56 -11.67 -0.45
N VAL B 274 -17.52 -11.45 0.45
CA VAL B 274 -17.53 -12.16 1.72
C VAL B 274 -17.73 -13.66 1.49
N SER B 275 -18.61 -14.02 0.56
CA SER B 275 -18.82 -15.43 0.24
C SER B 275 -17.54 -16.07 -0.28
N PHE B 276 -16.71 -15.30 -0.99
CA PHE B 276 -15.44 -15.85 -1.47
C PHE B 276 -14.47 -16.07 -0.32
N LEU B 277 -14.32 -15.08 0.56
CA LEU B 277 -13.40 -15.20 1.70
C LEU B 277 -13.87 -16.24 2.71
N ALA B 278 -15.15 -16.62 2.69
CA ALA B 278 -15.67 -17.66 3.57
C ALA B 278 -15.74 -19.01 2.89
N SER B 279 -15.29 -19.12 1.65
CA SER B 279 -15.38 -20.36 0.88
C SER B 279 -14.06 -21.13 0.96
N GLU B 280 -14.04 -22.30 0.32
CA GLU B 280 -12.85 -23.12 0.27
C GLU B 280 -11.83 -22.64 -0.76
N ASP B 281 -12.11 -21.54 -1.46
CA ASP B 281 -11.18 -20.97 -2.43
C ASP B 281 -10.34 -19.84 -1.84
N ALA B 282 -10.38 -19.63 -0.52
CA ALA B 282 -9.66 -18.52 0.10
C ALA B 282 -8.88 -18.98 1.33
N SER B 283 -8.45 -20.24 1.35
CA SER B 283 -7.70 -20.73 2.51
C SER B 283 -6.29 -20.14 2.56
N TYR B 284 -5.73 -19.76 1.41
CA TYR B 284 -4.37 -19.24 1.34
C TYR B 284 -4.34 -17.72 1.25
N ILE B 285 -5.35 -17.04 1.81
CA ILE B 285 -5.45 -15.59 1.78
C ILE B 285 -5.53 -15.10 3.22
N ALA B 286 -4.53 -14.31 3.63
CA ALA B 286 -4.44 -13.84 5.00
C ALA B 286 -3.94 -12.41 5.02
N GLY B 287 -4.60 -11.55 5.79
CA GLY B 287 -4.21 -10.16 5.90
C GLY B 287 -4.47 -9.34 4.66
N ALA B 288 -5.35 -9.80 3.77
CA ALA B 288 -5.62 -9.12 2.52
C ALA B 288 -6.69 -8.06 2.70
N VAL B 289 -6.67 -7.08 1.81
CA VAL B 289 -7.70 -6.06 1.71
C VAL B 289 -8.37 -6.24 0.35
N ILE B 290 -9.63 -6.67 0.36
CA ILE B 290 -10.38 -6.87 -0.88
C ILE B 290 -11.25 -5.64 -1.13
N PRO B 291 -10.84 -4.74 -2.03
CA PRO B 291 -11.61 -3.51 -2.24
C PRO B 291 -12.80 -3.77 -3.16
N VAL B 292 -14.00 -3.45 -2.69
CA VAL B 292 -15.20 -3.48 -3.51
C VAL B 292 -15.68 -2.05 -3.71
N ASP B 293 -14.94 -1.28 -4.51
CA ASP B 293 -15.16 0.16 -4.63
C ASP B 293 -15.20 0.64 -6.08
N GLY B 294 -15.23 -0.28 -7.05
CA GLY B 294 -15.16 0.14 -8.45
C GLY B 294 -13.89 0.89 -8.79
N GLY B 295 -12.80 0.62 -8.09
CA GLY B 295 -11.53 1.29 -8.33
C GLY B 295 -11.37 2.62 -7.63
N MET B 296 -12.24 2.97 -6.68
CA MET B 296 -12.19 4.28 -6.06
C MET B 296 -10.93 4.47 -5.22
N GLY B 297 -10.55 3.45 -4.45
CA GLY B 297 -9.43 3.58 -3.53
C GLY B 297 -8.07 3.24 -4.11
N MET B 298 -7.95 3.22 -5.44
CA MET B 298 -6.66 2.93 -6.05
C MET B 298 -5.64 3.98 -5.67
N GLY B 299 -4.53 3.53 -5.08
CA GLY B 299 -3.49 4.47 -4.66
C GLY B 299 -2.47 3.77 -3.78
N HIS B 300 -1.82 4.57 -2.93
CA HIS B 300 -0.80 4.04 -2.02
C HIS B 300 -0.71 4.91 -0.77
N THR C 60 25.04 12.85 18.26
CA THR C 60 24.67 14.24 18.08
C THR C 60 23.14 14.40 18.06
N ALA C 61 22.67 15.54 18.54
CA ALA C 61 21.24 15.80 18.59
C ALA C 61 20.70 16.43 17.32
N GLY C 62 21.52 17.21 16.62
CA GLY C 62 21.09 17.92 15.43
C GLY C 62 21.30 17.14 14.16
N ARG C 63 21.33 17.87 13.05
CA ARG C 63 21.52 17.26 11.74
C ARG C 63 22.89 16.60 11.69
N PRO C 64 23.00 15.36 11.21
CA PRO C 64 24.31 14.70 11.15
C PRO C 64 25.27 15.46 10.25
N ALA C 65 26.56 15.25 10.51
CA ALA C 65 27.61 15.91 9.74
C ALA C 65 27.44 15.61 8.26
N PHE C 66 27.60 16.66 7.44
CA PHE C 66 27.39 16.53 6.01
C PHE C 66 28.57 15.83 5.35
N VAL C 67 28.27 14.99 4.37
CA VAL C 67 29.26 14.29 3.57
C VAL C 67 28.99 14.62 2.10
N SER C 68 30.02 15.13 1.41
CA SER C 68 29.89 15.47 0.00
C SER C 68 29.91 14.19 -0.82
N ARG C 69 28.79 13.88 -1.46
CA ARG C 69 28.62 12.65 -2.21
C ARG C 69 28.80 12.89 -3.70
N SER C 70 29.23 11.85 -4.41
CA SER C 70 29.31 11.88 -5.86
C SER C 70 27.93 11.56 -6.42
N VAL C 71 27.30 12.55 -7.05
CA VAL C 71 25.91 12.45 -7.48
C VAL C 71 25.86 12.42 -9.00
N LEU C 72 24.97 11.59 -9.53
CA LEU C 72 24.66 11.56 -10.96
C LEU C 72 23.14 11.61 -11.11
N VAL C 73 22.66 12.61 -11.85
CA VAL C 73 21.23 12.80 -12.10
C VAL C 73 20.99 12.58 -13.59
N THR C 74 20.36 11.46 -13.93
CA THR C 74 20.03 11.19 -15.32
C THR C 74 18.90 12.09 -15.77
N GLY C 75 19.03 12.68 -16.96
CA GLY C 75 18.05 13.64 -17.44
C GLY C 75 17.99 14.90 -16.61
N GLY C 76 19.11 15.35 -16.06
CA GLY C 76 19.14 16.53 -15.22
C GLY C 76 19.47 17.82 -15.95
N ASN C 77 19.26 17.86 -17.27
CA ASN C 77 19.55 19.07 -18.03
C ASN C 77 18.41 20.08 -18.01
N ARG C 78 17.22 19.69 -17.57
CA ARG C 78 16.09 20.61 -17.51
C ARG C 78 15.01 20.02 -16.62
N GLY C 79 14.02 20.85 -16.29
CA GLY C 79 12.83 20.37 -15.61
C GLY C 79 13.10 19.95 -14.18
N ILE C 80 12.44 18.86 -13.77
CA ILE C 80 12.59 18.35 -12.41
C ILE C 80 14.03 17.91 -12.16
N GLY C 81 14.64 17.26 -13.15
CA GLY C 81 16.02 16.80 -12.99
C GLY C 81 17.00 17.94 -12.77
N LEU C 82 16.75 19.10 -13.40
CA LEU C 82 17.65 20.24 -13.22
C LEU C 82 17.50 20.83 -11.83
N ALA C 83 16.28 20.93 -11.31
CA ALA C 83 16.08 21.44 -9.96
C ALA C 83 16.68 20.48 -8.93
N ILE C 84 16.58 19.17 -9.18
CA ILE C 84 17.19 18.20 -8.29
C ILE C 84 18.71 18.39 -8.27
N ALA C 85 19.31 18.50 -9.46
CA ALA C 85 20.76 18.63 -9.55
C ALA C 85 21.25 19.92 -8.89
N ARG C 86 20.53 21.02 -9.07
CA ARG C 86 20.95 22.28 -8.48
C ARG C 86 20.76 22.31 -6.97
N ARG C 87 19.72 21.61 -6.47
CA ARG C 87 19.54 21.50 -5.03
C ARG C 87 20.68 20.70 -4.41
N LEU C 88 21.01 19.55 -5.00
CA LEU C 88 22.08 18.72 -4.47
C LEU C 88 23.43 19.43 -4.56
N ALA C 89 23.63 20.25 -5.59
CA ALA C 89 24.85 21.04 -5.68
C ALA C 89 24.89 22.11 -4.59
N ALA C 90 23.76 22.75 -4.31
CA ALA C 90 23.71 23.72 -3.23
C ALA C 90 23.87 23.07 -1.86
N ASP C 91 23.47 21.80 -1.73
CA ASP C 91 23.69 21.08 -0.49
C ASP C 91 25.17 20.85 -0.21
N GLY C 92 25.98 20.79 -1.26
CA GLY C 92 27.41 20.57 -1.10
C GLY C 92 27.92 19.30 -1.75
N HIS C 93 27.06 18.63 -2.53
CA HIS C 93 27.46 17.42 -3.20
C HIS C 93 28.20 17.72 -4.50
N LYS C 94 28.80 16.68 -5.07
CA LYS C 94 29.46 16.76 -6.37
C LYS C 94 28.48 16.20 -7.40
N VAL C 95 27.83 17.09 -8.16
CA VAL C 95 26.69 16.74 -8.98
C VAL C 95 27.10 16.67 -10.44
N ALA C 96 26.77 15.55 -11.09
CA ALA C 96 26.90 15.39 -12.52
C ALA C 96 25.53 15.06 -13.10
N VAL C 97 25.28 15.53 -14.32
CA VAL C 97 24.01 15.32 -15.00
C VAL C 97 24.27 14.69 -16.36
N THR C 98 23.23 14.10 -16.93
CA THR C 98 23.27 13.54 -18.27
C THR C 98 22.36 14.31 -19.19
N HIS C 99 22.69 14.29 -20.48
CA HIS C 99 21.88 14.92 -21.52
C HIS C 99 21.98 14.08 -22.78
N ARG C 100 21.01 14.28 -23.69
CA ARG C 100 20.96 13.53 -24.93
C ARG C 100 21.69 14.20 -26.08
N GLY C 101 22.52 15.21 -25.79
CA GLY C 101 23.33 15.81 -26.84
C GLY C 101 23.36 17.33 -26.81
N SER C 102 22.25 17.96 -26.39
CA SER C 102 22.17 19.41 -26.39
C SER C 102 23.08 20.05 -25.34
N GLY C 103 23.50 19.29 -24.34
CA GLY C 103 24.36 19.80 -23.29
C GLY C 103 23.59 20.22 -22.06
N ALA C 104 24.33 20.41 -20.99
CA ALA C 104 23.81 20.83 -19.70
C ALA C 104 24.04 22.31 -19.49
N PRO C 105 23.35 22.94 -18.55
CA PRO C 105 23.64 24.34 -18.22
C PRO C 105 25.06 24.51 -17.71
N ASP C 106 25.50 25.76 -17.69
CA ASP C 106 26.90 26.06 -17.41
C ASP C 106 27.30 25.68 -15.99
N ASP C 107 26.35 25.69 -15.05
CA ASP C 107 26.66 25.51 -13.63
C ASP C 107 26.82 24.05 -13.23
N LEU C 108 26.69 23.10 -14.15
CA LEU C 108 26.71 21.69 -13.83
C LEU C 108 27.62 20.93 -14.77
N PHE C 109 28.33 19.94 -14.24
CA PHE C 109 29.13 19.04 -15.05
C PHE C 109 28.21 18.08 -15.79
N GLY C 110 28.33 18.02 -17.10
CA GLY C 110 27.42 17.26 -17.93
C GLY C 110 28.14 16.20 -18.75
N VAL C 111 27.46 15.07 -18.95
CA VAL C 111 27.93 13.99 -19.80
C VAL C 111 26.78 13.54 -20.69
N GLN C 112 27.10 13.15 -21.92
CA GLN C 112 26.08 12.68 -22.83
C GLN C 112 25.77 11.21 -22.54
N CYS C 113 24.48 10.88 -22.49
CA CYS C 113 24.08 9.51 -22.18
C CYS C 113 22.63 9.31 -22.59
N ASP C 114 22.37 8.23 -23.31
CA ASP C 114 21.02 7.73 -23.55
C ASP C 114 20.82 6.49 -22.70
N VAL C 115 19.83 6.53 -21.80
CA VAL C 115 19.58 5.44 -20.88
C VAL C 115 19.04 4.19 -21.56
N THR C 116 18.76 4.26 -22.86
CA THR C 116 18.37 3.07 -23.60
C THR C 116 19.56 2.32 -24.18
N ASP C 117 20.77 2.87 -24.03
CA ASP C 117 22.01 2.31 -24.55
C ASP C 117 22.87 1.91 -23.37
N SER C 118 23.02 0.61 -23.15
CA SER C 118 23.81 0.13 -22.00
C SER C 118 25.26 0.54 -22.11
N ALA C 119 25.82 0.53 -23.33
CA ALA C 119 27.20 0.95 -23.51
C ALA C 119 27.37 2.44 -23.21
N ALA C 120 26.36 3.26 -23.53
CA ALA C 120 26.44 4.68 -23.23
C ALA C 120 26.31 4.94 -21.74
N VAL C 121 25.45 4.17 -21.05
CA VAL C 121 25.34 4.30 -19.60
C VAL C 121 26.67 3.99 -18.93
N ASP C 122 27.29 2.87 -19.32
CA ASP C 122 28.62 2.55 -18.81
C ASP C 122 29.64 3.61 -19.18
N ARG C 123 29.47 4.23 -20.35
CA ARG C 123 30.39 5.28 -20.78
C ARG C 123 30.20 6.55 -19.97
N ALA C 124 28.95 6.89 -19.64
CA ALA C 124 28.69 8.09 -18.85
C ALA C 124 29.22 7.95 -17.42
N PHE C 125 29.08 6.76 -16.82
CA PHE C 125 29.62 6.54 -15.49
C PHE C 125 31.13 6.66 -15.47
N LYS C 126 31.81 6.26 -16.56
CA LYS C 126 33.26 6.38 -16.61
C LYS C 126 33.69 7.84 -16.53
N GLU C 127 33.00 8.73 -17.24
CA GLU C 127 33.34 10.16 -17.17
C GLU C 127 33.09 10.71 -15.78
N VAL C 128 32.01 10.29 -15.13
CA VAL C 128 31.70 10.79 -13.79
C VAL C 128 32.73 10.30 -12.78
N GLU C 129 33.10 9.02 -12.86
CA GLU C 129 34.13 8.49 -11.96
C GLU C 129 35.46 9.22 -12.17
N GLU C 130 35.78 9.56 -13.41
CA GLU C 130 37.01 10.29 -13.69
C GLU C 130 36.95 11.72 -13.19
N HIS C 131 35.76 12.31 -13.13
CA HIS C 131 35.61 13.72 -12.75
C HIS C 131 35.46 13.91 -11.25
N GLN C 132 34.61 13.10 -10.61
CA GLN C 132 34.25 13.33 -9.21
C GLN C 132 34.29 12.05 -8.36
N GLY C 133 34.76 10.95 -8.91
CA GLY C 133 34.80 9.70 -8.18
C GLY C 133 33.58 8.83 -8.48
N PRO C 134 33.59 7.59 -8.00
CA PRO C 134 32.48 6.68 -8.32
C PRO C 134 31.17 7.18 -7.75
N VAL C 135 30.10 6.97 -8.53
CA VAL C 135 28.79 7.49 -8.16
C VAL C 135 28.33 6.85 -6.86
N GLU C 136 28.01 7.70 -5.87
CA GLU C 136 27.49 7.25 -4.58
C GLU C 136 25.98 7.44 -4.46
N VAL C 137 25.43 8.44 -5.14
CA VAL C 137 24.01 8.73 -5.10
C VAL C 137 23.54 8.82 -6.56
N LEU C 138 22.68 7.89 -6.97
CA LEU C 138 22.11 7.89 -8.31
C LEU C 138 20.67 8.38 -8.22
N VAL C 139 20.35 9.39 -9.04
CA VAL C 139 18.99 9.90 -9.16
C VAL C 139 18.54 9.60 -10.58
N ALA C 140 17.81 8.49 -10.75
CA ALA C 140 17.28 8.10 -12.06
C ALA C 140 16.05 8.93 -12.34
N ASN C 141 16.22 10.02 -13.09
CA ASN C 141 15.16 10.95 -13.40
C ASN C 141 14.73 10.95 -14.86
N ALA C 142 15.56 10.42 -15.76
CA ALA C 142 15.23 10.42 -17.18
C ALA C 142 13.98 9.59 -17.44
N GLY C 143 13.09 10.12 -18.28
CA GLY C 143 11.86 9.43 -18.61
C GLY C 143 11.09 10.19 -19.66
N ILE C 144 10.12 9.49 -20.25
CA ILE C 144 9.25 10.06 -21.28
C ILE C 144 7.83 9.58 -21.05
N SER C 145 6.89 10.17 -21.78
CA SER C 145 5.48 9.81 -21.71
C SER C 145 4.95 9.69 -23.14
N LYS C 146 4.19 8.62 -23.40
CA LYS C 146 3.53 8.39 -24.69
C LYS C 146 2.10 7.95 -24.38
N ASP C 147 1.26 8.90 -23.99
CA ASP C 147 -0.10 8.58 -23.55
C ASP C 147 -0.99 8.26 -24.74
N ALA C 148 -1.95 7.37 -24.50
CA ALA C 148 -2.95 6.96 -25.49
C ALA C 148 -3.97 6.08 -24.80
N PHE C 149 -5.16 6.01 -25.38
CA PHE C 149 -6.15 5.03 -24.93
C PHE C 149 -5.58 3.63 -25.09
N LEU C 150 -6.07 2.72 -24.25
CA LEU C 150 -5.53 1.36 -24.23
C LEU C 150 -5.54 0.72 -25.61
N MET C 151 -6.71 0.67 -26.26
CA MET C 151 -6.79 0.04 -27.57
C MET C 151 -6.03 0.82 -28.64
N ARG C 152 -5.72 2.09 -28.39
CA ARG C 152 -4.95 2.91 -29.33
C ARG C 152 -3.45 2.82 -29.12
N MET C 153 -2.99 2.27 -27.99
CA MET C 153 -1.58 2.25 -27.67
C MET C 153 -0.89 1.11 -28.44
N THR C 154 0.06 1.45 -29.29
CA THR C 154 0.77 0.47 -30.07
C THR C 154 1.85 -0.21 -29.23
N GLU C 155 2.43 -1.27 -29.80
CA GLU C 155 3.54 -1.95 -29.13
C GLU C 155 4.74 -1.03 -28.98
N GLU C 156 5.01 -0.22 -30.00
CA GLU C 156 6.19 0.64 -29.97
C GLU C 156 6.06 1.73 -28.91
N ARG C 157 4.90 2.39 -28.84
CA ARG C 157 4.71 3.44 -27.85
C ARG C 157 4.65 2.89 -26.42
N PHE C 158 4.41 1.59 -26.26
CA PHE C 158 4.51 0.97 -24.95
C PHE C 158 5.96 0.65 -24.60
N GLU C 159 6.66 -0.03 -25.51
CA GLU C 159 8.02 -0.47 -25.24
C GLU C 159 9.00 0.70 -25.12
N GLU C 160 8.76 1.79 -25.85
CA GLU C 160 9.66 2.94 -25.76
C GLU C 160 9.57 3.61 -24.40
N VAL C 161 8.38 3.63 -23.80
CA VAL C 161 8.24 4.14 -22.43
C VAL C 161 8.87 3.18 -21.43
N ILE C 162 8.69 1.88 -21.62
CA ILE C 162 9.31 0.89 -20.74
C ILE C 162 10.82 0.97 -20.83
N ASN C 163 11.36 1.08 -22.05
CA ASN C 163 12.81 1.03 -22.23
C ASN C 163 13.51 2.23 -21.59
N THR C 164 12.86 3.39 -21.59
CA THR C 164 13.47 4.61 -21.05
C THR C 164 13.20 4.76 -19.56
N ASN C 165 11.95 4.56 -19.13
CA ASN C 165 11.57 4.82 -17.75
C ASN C 165 11.94 3.66 -16.82
N LEU C 166 11.68 2.44 -17.25
CA LEU C 166 11.93 1.26 -16.41
C LEU C 166 13.32 0.66 -16.67
N THR C 167 13.55 0.17 -17.90
CA THR C 167 14.81 -0.49 -18.20
C THR C 167 15.98 0.48 -18.10
N GLY C 168 15.78 1.73 -18.51
CA GLY C 168 16.84 2.71 -18.40
C GLY C 168 17.27 2.96 -16.96
N ALA C 169 16.30 2.96 -16.04
CA ALA C 169 16.63 3.12 -14.63
C ALA C 169 17.39 1.91 -14.10
N PHE C 170 17.08 0.71 -14.61
CA PHE C 170 17.81 -0.48 -14.20
C PHE C 170 19.26 -0.44 -14.70
N ARG C 171 19.47 0.04 -15.92
CA ARG C 171 20.82 0.10 -16.47
C ARG C 171 21.72 0.97 -15.61
N CYS C 172 21.20 2.09 -15.12
CA CYS C 172 21.99 2.99 -14.29
C CYS C 172 22.20 2.41 -12.90
N ALA C 173 21.15 1.80 -12.33
CA ALA C 173 21.28 1.21 -11.01
C ALA C 173 22.23 0.01 -11.02
N GLN C 174 22.20 -0.79 -12.08
CA GLN C 174 23.11 -1.92 -12.19
C GLN C 174 24.55 -1.44 -12.36
N ARG C 175 24.76 -0.40 -13.16
CA ARG C 175 26.11 0.12 -13.38
C ARG C 175 26.67 0.77 -12.11
N ALA C 176 25.81 1.40 -11.30
CA ALA C 176 26.26 2.04 -10.07
C ALA C 176 26.48 1.04 -8.94
N SER C 177 25.79 -0.10 -8.95
CA SER C 177 25.89 -1.07 -7.87
C SER C 177 27.27 -1.70 -7.75
N ARG C 178 28.13 -1.58 -8.77
CA ARG C 178 29.46 -2.17 -8.71
C ARG C 178 30.28 -1.55 -7.59
N THR C 179 30.52 -0.24 -7.68
CA THR C 179 31.29 0.44 -6.65
C THR C 179 30.51 0.63 -5.36
N MET C 180 29.17 0.64 -5.43
CA MET C 180 28.37 0.84 -4.23
C MET C 180 28.51 -0.32 -3.26
N GLN C 181 28.60 -1.55 -3.76
CA GLN C 181 28.75 -2.70 -2.87
C GLN C 181 30.14 -2.74 -2.26
N ARG C 182 31.17 -2.41 -3.03
CA ARG C 182 32.53 -2.47 -2.52
C ARG C 182 32.82 -1.38 -1.50
N LYS C 183 32.22 -0.20 -1.68
CA LYS C 183 32.40 0.91 -0.74
C LYS C 183 31.39 0.88 0.40
N ARG C 184 30.50 -0.11 0.43
CA ARG C 184 29.53 -0.29 1.52
C ARG C 184 28.61 0.92 1.68
N PHE C 185 28.34 1.63 0.59
CA PHE C 185 27.43 2.76 0.63
C PHE C 185 26.79 2.91 -0.75
N GLY C 186 25.52 3.29 -0.76
CA GLY C 186 24.82 3.53 -2.02
C GLY C 186 23.42 4.06 -1.83
N ARG C 187 23.06 5.09 -2.60
CA ARG C 187 21.72 5.66 -2.57
C ARG C 187 21.18 5.66 -4.00
N ILE C 188 20.25 4.75 -4.27
CA ILE C 188 19.59 4.66 -5.57
C ILE C 188 18.20 5.27 -5.40
N ILE C 189 17.95 6.38 -6.08
CA ILE C 189 16.70 7.14 -5.94
C ILE C 189 16.04 7.21 -7.31
N PHE C 190 14.97 6.42 -7.49
CA PHE C 190 14.19 6.45 -8.70
C PHE C 190 13.14 7.55 -8.61
N ILE C 191 12.94 8.28 -9.70
CA ILE C 191 11.88 9.27 -9.80
C ILE C 191 10.68 8.57 -10.45
N GLY C 192 9.71 8.17 -9.63
CA GLY C 192 8.52 7.52 -10.13
C GLY C 192 7.43 8.50 -10.50
N SER C 193 6.20 8.18 -10.12
CA SER C 193 5.06 9.05 -10.41
C SER C 193 3.86 8.56 -9.59
N VAL C 194 2.93 9.48 -9.34
CA VAL C 194 1.68 9.11 -8.69
C VAL C 194 0.95 8.05 -9.50
N SER C 195 1.11 8.06 -10.82
CA SER C 195 0.41 7.12 -11.68
C SER C 195 0.83 5.68 -11.44
N GLY C 196 1.96 5.45 -10.79
CA GLY C 196 2.41 4.09 -10.54
C GLY C 196 1.43 3.30 -9.69
N MET C 197 0.92 3.90 -8.62
CA MET C 197 -0.06 3.24 -7.77
C MET C 197 -1.47 3.82 -7.89
N TRP C 198 -1.61 5.04 -8.41
CA TRP C 198 -2.92 5.65 -8.59
C TRP C 198 -3.54 5.36 -9.95
N GLY C 199 -2.71 5.15 -10.97
CA GLY C 199 -3.19 4.77 -12.29
C GLY C 199 -3.90 5.88 -13.05
N ILE C 200 -3.15 6.88 -13.51
CA ILE C 200 -3.73 7.90 -14.37
C ILE C 200 -4.16 7.26 -15.68
N GLY C 201 -5.35 7.63 -16.15
CA GLY C 201 -5.89 7.04 -17.36
C GLY C 201 -5.02 7.32 -18.58
N ASN C 202 -5.15 6.44 -19.56
CA ASN C 202 -4.40 6.53 -20.82
C ASN C 202 -2.90 6.44 -20.61
N GLN C 203 -2.46 5.69 -19.61
CA GLN C 203 -1.05 5.57 -19.27
C GLN C 203 -0.70 4.12 -18.94
N ALA C 204 -1.15 3.20 -19.78
CA ALA C 204 -0.83 1.78 -19.57
C ALA C 204 0.68 1.57 -19.55
N ASN C 205 1.41 2.29 -20.40
CA ASN C 205 2.87 2.15 -20.43
C ASN C 205 3.54 2.96 -19.33
N TYR C 206 3.09 4.18 -19.11
CA TYR C 206 3.73 5.05 -18.12
C TYR C 206 3.47 4.56 -16.70
N ALA C 207 2.23 4.17 -16.40
CA ALA C 207 1.93 3.69 -15.06
C ALA C 207 2.61 2.37 -14.76
N ALA C 208 2.81 1.53 -15.78
CA ALA C 208 3.50 0.26 -15.57
C ALA C 208 4.98 0.47 -15.29
N ALA C 209 5.62 1.37 -16.04
CA ALA C 209 7.04 1.63 -15.81
C ALA C 209 7.28 2.27 -14.45
N LYS C 210 6.42 3.21 -14.06
CA LYS C 210 6.60 3.89 -12.77
C LYS C 210 6.32 2.96 -11.60
N ALA C 211 5.37 2.03 -11.76
CA ALA C 211 5.12 1.05 -10.71
C ALA C 211 6.23 0.00 -10.66
N GLY C 212 6.81 -0.34 -11.81
CA GLY C 212 7.93 -1.27 -11.81
C GLY C 212 9.13 -0.75 -11.05
N LEU C 213 9.29 0.57 -10.96
CA LEU C 213 10.37 1.14 -10.16
C LEU C 213 10.23 0.76 -8.70
N ILE C 214 8.99 0.65 -8.20
CA ILE C 214 8.79 0.27 -6.80
C ILE C 214 9.23 -1.17 -6.57
N GLY C 215 8.83 -2.08 -7.46
CA GLY C 215 9.25 -3.47 -7.30
C GLY C 215 10.74 -3.66 -7.45
N MET C 216 11.35 -2.94 -8.39
CA MET C 216 12.80 -3.04 -8.57
C MET C 216 13.54 -2.44 -7.37
N ALA C 217 13.08 -1.29 -6.87
CA ALA C 217 13.74 -0.67 -5.74
C ALA C 217 13.67 -1.55 -4.49
N ARG C 218 12.58 -2.30 -4.33
CA ARG C 218 12.43 -3.13 -3.14
C ARG C 218 13.18 -4.45 -3.27
N SER C 219 13.31 -4.98 -4.49
CA SER C 219 14.13 -6.17 -4.68
C SER C 219 15.61 -5.85 -4.49
N ILE C 220 16.02 -4.65 -4.91
CA ILE C 220 17.40 -4.21 -4.68
C ILE C 220 17.64 -3.96 -3.19
N SER C 221 16.65 -3.39 -2.50
CA SER C 221 16.82 -3.09 -1.08
C SER C 221 16.93 -4.37 -0.25
N ARG C 222 16.06 -5.35 -0.51
CA ARG C 222 16.08 -6.58 0.28
C ARG C 222 17.38 -7.35 0.09
N GLU C 223 18.10 -7.12 -1.00
CA GLU C 223 19.39 -7.76 -1.23
C GLU C 223 20.55 -6.95 -0.67
N LEU C 224 20.54 -5.62 -0.87
CA LEU C 224 21.73 -4.80 -0.66
C LEU C 224 21.64 -3.88 0.56
N ALA C 225 20.52 -3.86 1.29
CA ALA C 225 20.43 -3.00 2.46
C ALA C 225 21.42 -3.41 3.53
N LYS C 226 21.75 -4.70 3.62
CA LYS C 226 22.74 -5.17 4.59
C LYS C 226 24.14 -4.69 4.25
N ALA C 227 24.38 -4.28 3.01
CA ALA C 227 25.67 -3.77 2.57
C ALA C 227 25.69 -2.26 2.43
N GLY C 228 24.71 -1.57 3.01
CA GLY C 228 24.68 -0.12 2.98
C GLY C 228 24.15 0.49 1.71
N VAL C 229 23.47 -0.29 0.86
CA VAL C 229 22.92 0.19 -0.40
C VAL C 229 21.41 0.09 -0.33
N THR C 230 20.74 1.23 -0.40
CA THR C 230 19.28 1.30 -0.36
C THR C 230 18.75 1.90 -1.66
N ALA C 231 17.53 1.49 -2.03
CA ALA C 231 16.87 1.98 -3.22
C ALA C 231 15.47 2.44 -2.83
N ASN C 232 15.16 3.70 -3.12
CA ASN C 232 13.87 4.29 -2.80
C ASN C 232 13.28 4.96 -4.03
N VAL C 233 12.04 5.42 -3.90
CA VAL C 233 11.29 5.99 -5.02
C VAL C 233 10.63 7.28 -4.56
N VAL C 234 10.86 8.36 -5.28
CA VAL C 234 10.13 9.61 -5.12
C VAL C 234 9.03 9.63 -6.17
N ALA C 235 7.77 9.71 -5.73
CA ALA C 235 6.61 9.66 -6.62
C ALA C 235 5.92 11.02 -6.62
N PRO C 236 6.28 11.93 -7.52
CA PRO C 236 5.63 13.23 -7.57
C PRO C 236 4.27 13.17 -8.25
N GLY C 237 3.39 14.09 -7.85
CA GLY C 237 2.14 14.27 -8.55
C GLY C 237 2.30 15.23 -9.71
N TYR C 238 1.30 16.07 -9.96
CA TYR C 238 1.41 17.05 -11.02
C TYR C 238 2.38 18.15 -10.63
N ILE C 239 3.47 18.27 -11.38
CA ILE C 239 4.54 19.22 -11.09
C ILE C 239 4.61 20.24 -12.21
N ASP C 240 4.77 21.50 -11.84
CA ASP C 240 4.86 22.60 -12.79
C ASP C 240 6.32 22.78 -13.20
N THR C 241 6.59 22.72 -14.50
CA THR C 241 7.94 22.91 -15.01
C THR C 241 7.95 23.91 -16.17
N ASP C 248 -0.03 23.48 -18.61
CA ASP C 248 -1.27 23.98 -18.07
C ASP C 248 -2.47 23.20 -18.57
N GLU C 249 -2.28 22.48 -19.68
CA GLU C 249 -3.37 21.73 -20.28
C GLU C 249 -3.91 20.65 -19.34
N ARG C 250 -3.05 20.10 -18.48
CA ARG C 250 -3.52 19.13 -17.49
C ARG C 250 -4.49 19.78 -16.52
N ILE C 251 -4.23 21.03 -16.13
CA ILE C 251 -5.15 21.76 -15.27
C ILE C 251 -6.47 22.03 -15.99
N GLN C 252 -6.39 22.30 -17.29
CA GLN C 252 -7.60 22.57 -18.06
C GLN C 252 -8.49 21.33 -18.11
N ALA C 253 -7.90 20.14 -18.17
CA ALA C 253 -8.64 18.89 -18.21
C ALA C 253 -9.22 18.50 -16.86
N GLY C 254 -8.96 19.26 -15.81
CA GLY C 254 -9.51 19.01 -14.50
C GLY C 254 -8.64 18.21 -13.54
N ALA C 255 -7.31 18.29 -13.66
CA ALA C 255 -6.45 17.54 -12.76
C ALA C 255 -6.54 18.02 -11.32
N LEU C 256 -6.92 19.28 -11.10
CA LEU C 256 -7.00 19.83 -9.75
C LEU C 256 -8.09 19.17 -8.92
N ASP C 257 -9.04 18.49 -9.56
CA ASP C 257 -10.13 17.87 -8.82
C ASP C 257 -9.69 16.67 -7.99
N PHE C 258 -8.56 16.05 -8.34
CA PHE C 258 -8.08 14.87 -7.64
C PHE C 258 -6.96 15.18 -6.65
N ILE C 259 -6.55 16.44 -6.56
CA ILE C 259 -5.43 16.85 -5.70
C ILE C 259 -6.01 17.55 -4.48
N PRO C 260 -5.91 16.95 -3.28
CA PRO C 260 -6.44 17.63 -2.08
C PRO C 260 -5.80 18.97 -1.79
N ALA C 261 -4.50 19.12 -2.09
CA ALA C 261 -3.85 20.42 -1.90
C ALA C 261 -4.38 21.48 -2.84
N LYS C 262 -5.12 21.10 -3.89
CA LYS C 262 -5.73 22.04 -4.83
C LYS C 262 -4.70 22.90 -5.55
N ARG C 263 -3.49 22.36 -5.74
CA ARG C 263 -2.46 23.05 -6.49
C ARG C 263 -1.49 22.02 -7.03
N VAL C 264 -0.70 22.43 -8.01
CA VAL C 264 0.37 21.60 -8.54
C VAL C 264 1.63 21.84 -7.72
N GLY C 265 2.52 20.84 -7.71
CA GLY C 265 3.78 21.00 -7.02
C GLY C 265 4.82 21.67 -7.88
N THR C 266 5.87 22.15 -7.23
CA THR C 266 7.00 22.76 -7.92
C THR C 266 8.15 21.76 -7.99
N ALA C 267 9.03 21.97 -8.98
CA ALA C 267 10.19 21.10 -9.12
C ALA C 267 11.08 21.16 -7.89
N GLU C 268 11.12 22.33 -7.22
CA GLU C 268 11.94 22.46 -6.02
C GLU C 268 11.39 21.63 -4.87
N GLU C 269 10.08 21.41 -4.84
CA GLU C 269 9.51 20.56 -3.81
C GLU C 269 9.90 19.10 -4.02
N VAL C 270 9.96 18.66 -5.28
CA VAL C 270 10.48 17.33 -5.57
C VAL C 270 11.94 17.22 -5.16
N ALA C 271 12.74 18.22 -5.50
CA ALA C 271 14.16 18.19 -5.14
C ALA C 271 14.35 18.17 -3.63
N GLY C 272 13.41 18.75 -2.88
CA GLY C 272 13.50 18.69 -1.42
C GLY C 272 13.40 17.27 -0.89
N ALA C 273 12.55 16.46 -1.52
CA ALA C 273 12.45 15.06 -1.10
C ALA C 273 13.69 14.27 -1.53
N VAL C 274 14.25 14.59 -2.70
CA VAL C 274 15.47 13.92 -3.14
C VAL C 274 16.64 14.30 -2.24
N SER C 275 16.73 15.58 -1.86
CA SER C 275 17.79 16.01 -0.96
C SER C 275 17.72 15.29 0.39
N PHE C 276 16.51 14.95 0.84
CA PHE C 276 16.36 14.19 2.08
C PHE C 276 16.87 12.77 1.90
N LEU C 277 16.44 12.09 0.82
CA LEU C 277 16.88 10.72 0.60
C LEU C 277 18.37 10.60 0.31
N ALA C 278 19.00 11.70 -0.12
CA ALA C 278 20.43 11.70 -0.38
C ALA C 278 21.26 12.16 0.81
N SER C 279 20.62 12.61 1.89
CA SER C 279 21.32 13.12 3.05
C SER C 279 21.63 11.99 4.02
N GLU C 280 22.23 12.35 5.16
CA GLU C 280 22.55 11.41 6.22
C GLU C 280 21.36 11.12 7.14
N ASP C 281 20.18 11.63 6.81
CA ASP C 281 18.97 11.39 7.59
C ASP C 281 18.11 10.28 7.02
N ALA C 282 18.55 9.60 5.96
CA ALA C 282 17.73 8.58 5.31
C ALA C 282 18.50 7.28 5.12
N SER C 283 19.50 7.03 5.96
CA SER C 283 20.29 5.80 5.85
C SER C 283 19.49 4.57 6.25
N TYR C 284 18.44 4.73 7.06
CA TYR C 284 17.60 3.61 7.50
C TYR C 284 16.29 3.53 6.72
N ILE C 285 16.24 4.11 5.52
CA ILE C 285 15.04 4.12 4.68
C ILE C 285 15.36 3.33 3.43
N ALA C 286 14.60 2.26 3.19
CA ALA C 286 14.82 1.39 2.05
C ALA C 286 13.49 0.88 1.53
N GLY C 287 13.34 0.87 0.19
CA GLY C 287 12.13 0.42 -0.43
C GLY C 287 10.94 1.33 -0.24
N ALA C 288 11.17 2.57 0.15
CA ALA C 288 10.10 3.50 0.46
C ALA C 288 9.62 4.22 -0.80
N VAL C 289 8.33 4.57 -0.79
CA VAL C 289 7.73 5.40 -1.81
C VAL C 289 7.35 6.71 -1.16
N ILE C 290 8.08 7.77 -1.47
CA ILE C 290 7.83 9.10 -0.90
C ILE C 290 6.93 9.86 -1.88
N PRO C 291 5.65 10.04 -1.56
CA PRO C 291 4.76 10.75 -2.48
C PRO C 291 4.89 12.26 -2.33
N VAL C 292 5.08 12.95 -3.46
CA VAL C 292 5.09 14.40 -3.49
C VAL C 292 3.96 14.84 -4.42
N ASP C 293 2.72 14.62 -3.98
CA ASP C 293 1.55 14.79 -4.83
C ASP C 293 0.47 15.63 -4.19
N GLY C 294 0.73 16.25 -3.05
CA GLY C 294 -0.31 16.99 -2.35
C GLY C 294 -1.49 16.14 -1.92
N GLY C 295 -1.25 14.86 -1.65
CA GLY C 295 -2.30 13.96 -1.25
C GLY C 295 -3.05 13.27 -2.36
N MET C 296 -2.62 13.45 -3.61
CA MET C 296 -3.39 12.92 -4.74
C MET C 296 -3.43 11.39 -4.74
N GLY C 297 -2.31 10.75 -4.47
CA GLY C 297 -2.22 9.31 -4.60
C GLY C 297 -2.61 8.50 -3.38
N MET C 298 -3.31 9.12 -2.43
CA MET C 298 -3.74 8.41 -1.24
C MET C 298 -4.70 7.29 -1.62
N GLY C 299 -4.42 6.09 -1.13
CA GLY C 299 -5.27 4.95 -1.42
C GLY C 299 -4.51 3.65 -1.14
N HIS C 300 -4.97 2.59 -1.80
CA HIS C 300 -4.37 1.28 -1.63
C HIS C 300 -4.51 0.44 -2.89
N THR D 60 -31.13 -13.34 -6.40
CA THR D 60 -30.86 -12.01 -5.87
C THR D 60 -30.11 -12.09 -4.53
N ALA D 61 -30.69 -12.81 -3.56
CA ALA D 61 -30.03 -12.99 -2.28
C ALA D 61 -28.88 -13.99 -2.37
N GLY D 62 -28.98 -14.97 -3.26
CA GLY D 62 -27.96 -15.98 -3.42
C GLY D 62 -26.95 -15.64 -4.49
N ARG D 63 -26.24 -16.67 -4.95
CA ARG D 63 -25.21 -16.48 -5.96
C ARG D 63 -25.85 -16.01 -7.26
N PRO D 64 -25.26 -15.01 -7.93
CA PRO D 64 -25.86 -14.52 -9.18
C PRO D 64 -25.86 -15.59 -10.26
N ALA D 65 -26.79 -15.44 -11.21
CA ALA D 65 -26.89 -16.39 -12.31
C ALA D 65 -25.59 -16.43 -13.09
N PHE D 66 -25.11 -17.64 -13.36
CA PHE D 66 -23.85 -17.81 -14.07
C PHE D 66 -23.97 -17.39 -15.52
N VAL D 67 -22.90 -16.81 -16.04
CA VAL D 67 -22.80 -16.39 -17.44
C VAL D 67 -21.53 -17.00 -18.02
N SER D 68 -21.67 -17.80 -19.08
CA SER D 68 -20.52 -18.42 -19.72
C SER D 68 -19.76 -17.38 -20.53
N ARG D 69 -18.51 -17.12 -20.13
CA ARG D 69 -17.68 -16.13 -20.79
C ARG D 69 -16.66 -16.81 -21.70
N SER D 70 -16.21 -16.07 -22.71
CA SER D 70 -15.12 -16.51 -23.57
C SER D 70 -13.81 -16.19 -22.85
N VAL D 71 -13.07 -17.23 -22.47
CA VAL D 71 -11.88 -17.09 -21.65
C VAL D 71 -10.66 -17.47 -22.47
N LEU D 72 -9.61 -16.65 -22.38
CA LEU D 72 -8.30 -16.98 -22.92
C LEU D 72 -7.28 -16.91 -21.77
N VAL D 73 -6.53 -17.99 -21.59
CA VAL D 73 -5.51 -18.09 -20.55
C VAL D 73 -4.17 -18.27 -21.24
N THR D 74 -3.32 -17.24 -21.17
CA THR D 74 -2.00 -17.33 -21.78
C THR D 74 -1.12 -18.28 -20.98
N GLY D 75 -0.40 -19.14 -21.67
CA GLY D 75 0.46 -20.11 -21.00
C GLY D 75 -0.31 -21.11 -20.16
N GLY D 76 -1.47 -21.56 -20.65
CA GLY D 76 -2.32 -22.45 -19.88
C GLY D 76 -2.11 -23.92 -20.19
N ASN D 77 -0.96 -24.25 -20.77
CA ASN D 77 -0.64 -25.63 -21.13
C ASN D 77 -0.03 -26.42 -19.98
N ARG D 78 0.40 -25.76 -18.90
CA ARG D 78 1.00 -26.43 -17.77
C ARG D 78 1.05 -25.45 -16.60
N GLY D 79 1.30 -25.99 -15.41
CA GLY D 79 1.52 -25.16 -14.24
C GLY D 79 0.24 -24.50 -13.76
N ILE D 80 0.39 -23.27 -13.26
CA ILE D 80 -0.74 -22.52 -12.72
C ILE D 80 -1.75 -22.21 -13.82
N GLY D 81 -1.26 -21.88 -15.02
CA GLY D 81 -2.16 -21.57 -16.12
C GLY D 81 -3.07 -22.73 -16.48
N LEU D 82 -2.57 -23.96 -16.38
CA LEU D 82 -3.40 -25.13 -16.66
C LEU D 82 -4.48 -25.31 -15.60
N ALA D 83 -4.12 -25.11 -14.33
CA ALA D 83 -5.11 -25.23 -13.25
C ALA D 83 -6.17 -24.14 -13.36
N ILE D 84 -5.79 -22.94 -13.78
CA ILE D 84 -6.76 -21.86 -13.99
C ILE D 84 -7.73 -22.22 -15.11
N ALA D 85 -7.21 -22.77 -16.21
CA ALA D 85 -8.06 -23.11 -17.34
C ALA D 85 -9.06 -24.21 -16.98
N ARG D 86 -8.61 -25.22 -16.25
CA ARG D 86 -9.52 -26.30 -15.85
C ARG D 86 -10.57 -25.80 -14.87
N ARG D 87 -10.20 -24.87 -13.99
CA ARG D 87 -11.17 -24.33 -13.05
C ARG D 87 -12.23 -23.51 -13.77
N LEU D 88 -11.81 -22.63 -14.67
CA LEU D 88 -12.77 -21.81 -15.41
C LEU D 88 -13.62 -22.65 -16.35
N ALA D 89 -13.06 -23.73 -16.90
CA ALA D 89 -13.87 -24.62 -17.72
C ALA D 89 -14.91 -25.35 -16.88
N ALA D 90 -14.53 -25.80 -15.69
CA ALA D 90 -15.49 -26.46 -14.81
C ALA D 90 -16.56 -25.50 -14.32
N ASP D 91 -16.24 -24.20 -14.21
CA ASP D 91 -17.25 -23.22 -13.85
C ASP D 91 -18.33 -23.11 -14.91
N GLY D 92 -17.96 -23.32 -16.19
CA GLY D 92 -18.91 -23.24 -17.28
C GLY D 92 -18.49 -22.26 -18.35
N HIS D 93 -17.25 -21.79 -18.30
CA HIS D 93 -16.76 -20.84 -19.29
C HIS D 93 -16.27 -21.57 -20.53
N LYS D 94 -16.27 -20.86 -21.64
CA LYS D 94 -15.64 -21.32 -22.88
C LYS D 94 -14.18 -20.94 -22.79
N VAL D 95 -13.32 -21.92 -22.49
CA VAL D 95 -11.94 -21.67 -22.10
C VAL D 95 -11.02 -22.04 -23.27
N ALA D 96 -10.24 -21.07 -23.72
CA ALA D 96 -9.15 -21.30 -24.65
C ALA D 96 -7.83 -20.96 -23.97
N VAL D 97 -6.76 -21.61 -24.41
CA VAL D 97 -5.43 -21.41 -23.84
C VAL D 97 -4.43 -21.24 -24.96
N THR D 98 -3.36 -20.50 -24.68
CA THR D 98 -2.26 -20.34 -25.62
C THR D 98 -1.12 -21.29 -25.24
N HIS D 99 -0.44 -21.81 -26.26
CA HIS D 99 0.71 -22.66 -26.08
C HIS D 99 1.76 -22.24 -27.10
N ARG D 100 2.95 -22.84 -26.98
CA ARG D 100 4.07 -22.52 -27.87
C ARG D 100 4.47 -23.71 -28.73
N GLY D 101 3.53 -24.62 -28.99
CA GLY D 101 3.77 -25.78 -29.83
C GLY D 101 3.59 -27.11 -29.13
N SER D 102 3.60 -27.13 -27.80
CA SER D 102 3.38 -28.38 -27.06
C SER D 102 1.95 -28.88 -27.17
N GLY D 103 1.02 -28.04 -27.62
CA GLY D 103 -0.37 -28.45 -27.74
C GLY D 103 -1.12 -28.36 -26.43
N ALA D 104 -2.35 -27.87 -26.48
CA ALA D 104 -3.18 -27.81 -25.30
C ALA D 104 -3.73 -29.20 -24.99
N PRO D 105 -4.12 -29.45 -23.74
CA PRO D 105 -4.81 -30.70 -23.43
C PRO D 105 -6.05 -30.85 -24.29
N ASP D 106 -6.33 -32.10 -24.69
CA ASP D 106 -7.45 -32.39 -25.57
C ASP D 106 -8.80 -31.95 -25.00
N ASP D 107 -8.83 -31.49 -23.75
CA ASP D 107 -10.05 -31.02 -23.12
C ASP D 107 -10.33 -29.55 -23.37
N LEU D 108 -9.33 -28.78 -23.79
CA LEU D 108 -9.45 -27.34 -23.96
C LEU D 108 -9.09 -26.95 -25.38
N PHE D 109 -9.56 -25.77 -25.79
CA PHE D 109 -9.23 -25.24 -27.11
C PHE D 109 -7.88 -24.54 -27.04
N GLY D 110 -6.98 -24.89 -27.96
CA GLY D 110 -5.64 -24.36 -27.92
C GLY D 110 -5.22 -23.59 -29.15
N VAL D 111 -4.59 -22.43 -28.94
CA VAL D 111 -4.02 -21.62 -30.01
C VAL D 111 -2.55 -21.44 -29.72
N GLN D 112 -1.73 -21.42 -30.78
CA GLN D 112 -0.29 -21.28 -30.62
C GLN D 112 0.07 -19.80 -30.61
N CYS D 113 0.75 -19.36 -29.56
CA CYS D 113 1.06 -17.94 -29.42
C CYS D 113 2.23 -17.76 -28.47
N ASP D 114 3.15 -16.87 -28.85
CA ASP D 114 4.25 -16.43 -28.01
C ASP D 114 3.99 -14.97 -27.66
N VAL D 115 3.81 -14.69 -26.37
CA VAL D 115 3.37 -13.37 -25.93
C VAL D 115 4.40 -12.27 -26.19
N THR D 116 5.60 -12.63 -26.65
CA THR D 116 6.59 -11.64 -27.05
C THR D 116 6.43 -11.19 -28.50
N ASP D 117 5.44 -11.73 -29.21
CA ASP D 117 5.20 -11.44 -30.62
C ASP D 117 3.80 -10.86 -30.75
N SER D 118 3.71 -9.60 -31.16
CA SER D 118 2.41 -8.95 -31.32
C SER D 118 1.61 -9.57 -32.46
N ALA D 119 2.28 -10.00 -33.53
CA ALA D 119 1.58 -10.66 -34.63
C ALA D 119 0.96 -11.98 -34.19
N ALA D 120 1.69 -12.75 -33.37
CA ALA D 120 1.13 -14.00 -32.86
C ALA D 120 -0.01 -13.74 -31.88
N VAL D 121 0.07 -12.66 -31.10
CA VAL D 121 -1.03 -12.31 -30.22
C VAL D 121 -2.27 -11.94 -31.00
N ASP D 122 -2.12 -11.13 -32.06
CA ASP D 122 -3.25 -10.74 -32.87
C ASP D 122 -3.88 -11.94 -33.56
N ARG D 123 -3.06 -12.88 -34.01
CA ARG D 123 -3.58 -14.10 -34.64
C ARG D 123 -4.23 -15.02 -33.62
N ALA D 124 -3.68 -15.06 -32.40
CA ALA D 124 -4.23 -15.93 -31.36
C ALA D 124 -5.65 -15.50 -31.00
N PHE D 125 -5.84 -14.22 -30.68
CA PHE D 125 -7.18 -13.71 -30.42
C PHE D 125 -8.09 -13.89 -31.63
N LYS D 126 -7.53 -13.77 -32.84
CA LYS D 126 -8.33 -13.96 -34.05
C LYS D 126 -8.91 -15.37 -34.10
N GLU D 127 -8.09 -16.38 -33.82
CA GLU D 127 -8.58 -17.75 -33.82
C GLU D 127 -9.58 -18.00 -32.70
N VAL D 128 -9.42 -17.31 -31.57
CA VAL D 128 -10.35 -17.48 -30.45
C VAL D 128 -11.70 -16.85 -30.78
N GLU D 129 -11.70 -15.67 -31.41
CA GLU D 129 -12.96 -15.02 -31.76
C GLU D 129 -13.77 -15.86 -32.73
N GLU D 130 -13.10 -16.52 -33.68
CA GLU D 130 -13.82 -17.33 -34.66
C GLU D 130 -14.38 -18.59 -34.02
N HIS D 131 -13.71 -19.13 -33.01
CA HIS D 131 -14.12 -20.39 -32.39
C HIS D 131 -15.18 -20.19 -31.31
N GLN D 132 -14.94 -19.30 -30.36
CA GLN D 132 -15.81 -19.14 -29.20
C GLN D 132 -16.27 -17.71 -28.96
N GLY D 133 -16.10 -16.80 -29.92
CA GLY D 133 -16.48 -15.42 -29.72
C GLY D 133 -15.33 -14.60 -29.13
N PRO D 134 -15.44 -13.28 -29.20
CA PRO D 134 -14.36 -12.42 -28.69
C PRO D 134 -14.12 -12.64 -27.21
N VAL D 135 -12.87 -12.45 -26.81
CA VAL D 135 -12.45 -12.73 -25.43
C VAL D 135 -13.13 -11.76 -24.49
N GLU D 136 -13.84 -12.29 -23.50
CA GLU D 136 -14.46 -11.50 -22.45
C GLU D 136 -13.67 -11.51 -21.15
N VAL D 137 -12.94 -12.58 -20.88
CA VAL D 137 -12.13 -12.72 -19.67
C VAL D 137 -10.74 -13.14 -20.11
N LEU D 138 -9.76 -12.26 -19.93
CA LEU D 138 -8.37 -12.54 -20.25
C LEU D 138 -7.60 -12.81 -18.97
N VAL D 139 -6.89 -13.94 -18.94
CA VAL D 139 -6.03 -14.30 -17.82
C VAL D 139 -4.60 -14.30 -18.35
N ALA D 140 -3.87 -13.21 -18.13
CA ALA D 140 -2.49 -13.09 -18.56
C ALA D 140 -1.61 -13.81 -17.55
N ASN D 141 -1.40 -15.10 -17.80
CA ASN D 141 -0.66 -15.97 -16.89
C ASN D 141 0.78 -16.23 -17.34
N ALA D 142 1.03 -16.23 -18.64
CA ALA D 142 2.36 -16.55 -19.15
C ALA D 142 3.43 -15.66 -18.53
N GLY D 143 4.46 -16.29 -17.99
CA GLY D 143 5.54 -15.55 -17.36
C GLY D 143 6.75 -16.44 -17.14
N ILE D 144 7.90 -15.79 -16.97
CA ILE D 144 9.16 -16.48 -16.74
C ILE D 144 9.88 -15.82 -15.57
N SER D 145 10.97 -16.47 -15.14
CA SER D 145 11.82 -15.96 -14.06
C SER D 145 13.27 -16.19 -14.42
N LYS D 146 14.10 -15.15 -14.25
CA LYS D 146 15.55 -15.21 -14.51
C LYS D 146 16.25 -14.43 -13.39
N ASP D 147 16.37 -15.07 -12.24
CA ASP D 147 16.92 -14.42 -11.06
C ASP D 147 18.43 -14.27 -11.18
N ALA D 148 18.94 -13.26 -10.49
CA ALA D 148 20.36 -12.95 -10.41
C ALA D 148 20.54 -11.81 -9.43
N PHE D 149 21.71 -11.77 -8.80
CA PHE D 149 22.10 -10.60 -8.02
C PHE D 149 22.18 -9.38 -8.94
N LEU D 150 21.90 -8.21 -8.36
CA LEU D 150 21.89 -6.98 -9.15
C LEU D 150 23.21 -6.77 -9.87
N MET D 151 24.34 -7.05 -9.20
CA MET D 151 25.65 -6.91 -9.80
C MET D 151 25.90 -7.92 -10.92
N ARG D 152 25.11 -9.00 -11.00
CA ARG D 152 25.31 -10.03 -12.00
C ARG D 152 24.16 -10.15 -12.99
N MET D 153 23.16 -9.27 -12.92
CA MET D 153 22.03 -9.32 -13.84
C MET D 153 22.34 -8.47 -15.06
N THR D 154 22.26 -9.09 -16.24
CA THR D 154 22.59 -8.41 -17.49
C THR D 154 21.37 -7.69 -18.06
N GLU D 155 21.63 -6.83 -19.05
CA GLU D 155 20.54 -6.17 -19.77
C GLU D 155 19.66 -7.19 -20.47
N GLU D 156 20.27 -8.23 -21.04
CA GLU D 156 19.49 -9.25 -21.72
C GLU D 156 18.59 -10.01 -20.75
N ARG D 157 19.13 -10.39 -19.59
CA ARG D 157 18.33 -11.09 -18.59
C ARG D 157 17.20 -10.21 -18.05
N PHE D 158 17.43 -8.90 -17.94
CA PHE D 158 16.38 -8.01 -17.47
C PHE D 158 15.27 -7.84 -18.51
N GLU D 159 15.66 -7.69 -19.78
CA GLU D 159 14.67 -7.32 -20.79
C GLU D 159 13.76 -8.48 -21.17
N GLU D 160 14.30 -9.70 -21.22
CA GLU D 160 13.47 -10.84 -21.61
C GLU D 160 12.45 -11.18 -20.53
N VAL D 161 12.76 -10.88 -19.27
CA VAL D 161 11.75 -11.02 -18.22
C VAL D 161 10.68 -9.93 -18.35
N ILE D 162 11.11 -8.70 -18.65
CA ILE D 162 10.17 -7.60 -18.84
C ILE D 162 9.32 -7.84 -20.10
N ASN D 163 9.94 -8.32 -21.18
CA ASN D 163 9.23 -8.48 -22.44
C ASN D 163 8.14 -9.55 -22.34
N THR D 164 8.36 -10.61 -21.56
CA THR D 164 7.38 -11.67 -21.41
C THR D 164 6.34 -11.36 -20.33
N ASN D 165 6.79 -10.99 -19.13
CA ASN D 165 5.88 -10.80 -18.01
C ASN D 165 5.07 -9.52 -18.15
N LEU D 166 5.74 -8.40 -18.46
CA LEU D 166 5.08 -7.10 -18.48
C LEU D 166 4.58 -6.74 -19.88
N THR D 167 5.49 -6.62 -20.85
CA THR D 167 5.08 -6.26 -22.21
C THR D 167 4.21 -7.34 -22.82
N GLY D 168 4.51 -8.61 -22.54
CA GLY D 168 3.67 -9.68 -23.05
C GLY D 168 2.25 -9.62 -22.52
N ALA D 169 2.09 -9.25 -21.25
CA ALA D 169 0.75 -9.09 -20.70
C ALA D 169 0.03 -7.89 -21.30
N PHE D 170 0.77 -6.84 -21.66
CA PHE D 170 0.15 -5.69 -22.30
C PHE D 170 -0.34 -6.03 -23.70
N ARG D 171 0.43 -6.80 -24.46
CA ARG D 171 0.05 -7.16 -25.82
C ARG D 171 -1.30 -7.89 -25.84
N CYS D 172 -1.54 -8.75 -24.85
CA CYS D 172 -2.81 -9.45 -24.76
C CYS D 172 -3.92 -8.53 -24.28
N ALA D 173 -3.64 -7.70 -23.28
CA ALA D 173 -4.67 -6.79 -22.77
C ALA D 173 -5.06 -5.75 -23.80
N GLN D 174 -4.06 -5.21 -24.52
CA GLN D 174 -4.36 -4.23 -25.57
C GLN D 174 -5.19 -4.86 -26.68
N ARG D 175 -4.87 -6.10 -27.05
CA ARG D 175 -5.64 -6.78 -28.10
C ARG D 175 -7.04 -7.13 -27.61
N ALA D 176 -7.17 -7.51 -26.34
CA ALA D 176 -8.48 -7.87 -25.81
C ALA D 176 -9.40 -6.66 -25.69
N SER D 177 -8.85 -5.49 -25.37
CA SER D 177 -9.67 -4.29 -25.21
C SER D 177 -10.33 -3.85 -26.50
N ARG D 178 -9.94 -4.43 -27.64
CA ARG D 178 -10.55 -4.04 -28.91
C ARG D 178 -12.03 -4.41 -28.93
N THR D 179 -12.38 -5.61 -28.47
CA THR D 179 -13.76 -6.07 -28.47
C THR D 179 -14.45 -5.93 -27.13
N MET D 180 -13.71 -5.97 -26.01
CA MET D 180 -14.32 -5.78 -24.71
C MET D 180 -14.93 -4.40 -24.57
N GLN D 181 -14.20 -3.37 -25.02
CA GLN D 181 -14.66 -1.99 -24.87
C GLN D 181 -15.94 -1.73 -25.67
N ARG D 182 -16.13 -2.45 -26.78
CA ARG D 182 -17.31 -2.25 -27.60
C ARG D 182 -18.53 -2.96 -27.02
N LYS D 183 -18.35 -4.19 -26.52
CA LYS D 183 -19.45 -4.95 -25.95
C LYS D 183 -19.72 -4.60 -24.49
N ARG D 184 -18.94 -3.69 -23.90
CA ARG D 184 -19.19 -3.16 -22.57
C ARG D 184 -19.02 -4.20 -21.45
N PHE D 185 -18.20 -5.22 -21.69
CA PHE D 185 -17.82 -6.17 -20.65
C PHE D 185 -16.37 -6.56 -20.87
N GLY D 186 -15.60 -6.61 -19.78
CA GLY D 186 -14.21 -7.00 -19.87
C GLY D 186 -13.58 -7.29 -18.52
N ARG D 187 -12.90 -8.43 -18.42
CA ARG D 187 -12.19 -8.83 -17.21
C ARG D 187 -10.76 -9.15 -17.60
N ILE D 188 -9.84 -8.22 -17.33
CA ILE D 188 -8.42 -8.41 -17.57
C ILE D 188 -7.79 -8.80 -16.24
N ILE D 189 -7.36 -10.04 -16.12
CA ILE D 189 -6.83 -10.59 -14.87
C ILE D 189 -5.34 -10.89 -15.10
N PHE D 190 -4.49 -10.08 -14.49
CA PHE D 190 -3.04 -10.30 -14.57
C PHE D 190 -2.61 -11.25 -13.45
N ILE D 191 -1.75 -12.20 -13.79
CA ILE D 191 -1.14 -13.08 -12.80
C ILE D 191 0.19 -12.45 -12.40
N GLY D 192 0.18 -11.74 -11.26
CA GLY D 192 1.37 -11.09 -10.77
C GLY D 192 2.17 -11.98 -9.84
N SER D 193 2.72 -11.40 -8.78
CA SER D 193 3.50 -12.15 -7.80
C SER D 193 3.64 -11.31 -6.54
N VAL D 194 3.86 -12.01 -5.42
CA VAL D 194 4.11 -11.32 -4.15
C VAL D 194 5.33 -10.41 -4.26
N SER D 195 6.28 -10.77 -5.11
CA SER D 195 7.53 -10.01 -5.25
C SER D 195 7.29 -8.61 -5.79
N GLY D 196 6.14 -8.35 -6.41
CA GLY D 196 5.88 -7.03 -6.98
C GLY D 196 5.96 -5.93 -5.93
N MET D 197 5.29 -6.12 -4.80
CA MET D 197 5.32 -5.13 -3.72
C MET D 197 6.22 -5.53 -2.56
N TRP D 198 6.51 -6.83 -2.41
CA TRP D 198 7.35 -7.31 -1.33
C TRP D 198 8.84 -7.25 -1.67
N GLY D 199 9.18 -7.36 -2.95
CA GLY D 199 10.56 -7.23 -3.40
C GLY D 199 11.44 -8.39 -3.00
N ILE D 200 11.20 -9.57 -3.56
CA ILE D 200 12.07 -10.71 -3.32
C ILE D 200 13.46 -10.40 -3.86
N GLY D 201 14.48 -10.76 -3.09
CA GLY D 201 15.84 -10.47 -3.50
C GLY D 201 16.20 -11.22 -4.77
N ASN D 202 17.16 -10.65 -5.50
CA ASN D 202 17.67 -11.22 -6.76
C ASN D 202 16.61 -11.21 -7.87
N GLN D 203 15.63 -10.34 -7.78
CA GLN D 203 14.54 -10.26 -8.75
C GLN D 203 14.29 -8.81 -9.17
N ALA D 204 15.35 -8.10 -9.52
CA ALA D 204 15.18 -6.72 -10.00
C ALA D 204 14.33 -6.68 -11.26
N ASN D 205 14.48 -7.68 -12.13
CA ASN D 205 13.63 -7.76 -13.32
C ASN D 205 12.25 -8.31 -13.00
N TYR D 206 12.18 -9.40 -12.23
CA TYR D 206 10.91 -10.05 -11.97
C TYR D 206 9.99 -9.15 -11.15
N ALA D 207 10.51 -8.54 -10.08
CA ALA D 207 9.68 -7.68 -9.24
C ALA D 207 9.23 -6.43 -9.97
N ALA D 208 10.07 -5.90 -10.86
CA ALA D 208 9.68 -4.74 -11.65
C ALA D 208 8.53 -5.07 -12.60
N ALA D 209 8.60 -6.23 -13.26
CA ALA D 209 7.52 -6.65 -14.15
C ALA D 209 6.23 -6.89 -13.37
N LYS D 210 6.34 -7.59 -12.23
CA LYS D 210 5.15 -7.92 -11.46
C LYS D 210 4.54 -6.69 -10.80
N ALA D 211 5.36 -5.73 -10.38
CA ALA D 211 4.84 -4.47 -9.88
C ALA D 211 4.28 -3.61 -11.02
N GLY D 212 4.85 -3.74 -12.22
CA GLY D 212 4.34 -3.00 -13.36
C GLY D 212 2.95 -3.42 -13.78
N LEU D 213 2.60 -4.69 -13.52
CA LEU D 213 1.24 -5.14 -13.79
C LEU D 213 0.22 -4.39 -12.94
N ILE D 214 0.61 -3.97 -11.74
CA ILE D 214 -0.31 -3.25 -10.86
C ILE D 214 -0.61 -1.87 -11.44
N GLY D 215 0.43 -1.14 -11.86
CA GLY D 215 0.21 0.18 -12.43
C GLY D 215 -0.56 0.13 -13.73
N MET D 216 -0.30 -0.87 -14.57
CA MET D 216 -1.02 -1.01 -15.81
C MET D 216 -2.49 -1.34 -15.55
N ALA D 217 -2.76 -2.27 -14.64
CA ALA D 217 -4.14 -2.65 -14.34
C ALA D 217 -4.94 -1.48 -13.78
N ARG D 218 -4.29 -0.63 -12.98
CA ARG D 218 -5.00 0.52 -12.40
C ARG D 218 -5.17 1.65 -13.42
N SER D 219 -4.23 1.80 -14.35
CA SER D 219 -4.41 2.78 -15.42
C SER D 219 -5.50 2.33 -16.39
N ILE D 220 -5.54 1.04 -16.71
CA ILE D 220 -6.61 0.50 -17.55
C ILE D 220 -7.96 0.64 -16.86
N SER D 221 -8.00 0.38 -15.55
CA SER D 221 -9.26 0.43 -14.82
C SER D 221 -9.83 1.84 -14.78
N ARG D 222 -8.99 2.84 -14.49
CA ARG D 222 -9.50 4.21 -14.40
C ARG D 222 -10.04 4.69 -15.74
N GLU D 223 -9.56 4.12 -16.85
CA GLU D 223 -10.07 4.52 -18.15
C GLU D 223 -11.32 3.75 -18.53
N LEU D 224 -11.35 2.45 -18.29
CA LEU D 224 -12.35 1.56 -18.87
C LEU D 224 -13.35 0.99 -17.88
N ALA D 225 -13.22 1.30 -16.57
CA ALA D 225 -14.22 0.80 -15.62
C ALA D 225 -15.61 1.36 -15.91
N LYS D 226 -15.68 2.61 -16.40
CA LYS D 226 -16.96 3.20 -16.77
C LYS D 226 -17.63 2.48 -17.92
N ALA D 227 -16.90 1.65 -18.66
CA ALA D 227 -17.45 0.89 -19.78
C ALA D 227 -17.56 -0.59 -19.47
N GLY D 228 -17.52 -0.97 -18.19
CA GLY D 228 -17.63 -2.36 -17.81
C GLY D 228 -16.37 -3.19 -17.98
N VAL D 229 -15.24 -2.57 -18.29
CA VAL D 229 -13.97 -3.27 -18.45
C VAL D 229 -13.10 -2.97 -17.24
N THR D 230 -12.79 -4.01 -16.46
CA THR D 230 -11.98 -3.87 -15.27
C THR D 230 -10.70 -4.68 -15.42
N ALA D 231 -9.66 -4.26 -14.70
CA ALA D 231 -8.37 -4.93 -14.70
C ALA D 231 -7.90 -5.11 -13.26
N ASN D 232 -7.57 -6.34 -12.89
CA ASN D 232 -7.13 -6.68 -11.55
C ASN D 232 -5.90 -7.58 -11.63
N VAL D 233 -5.21 -7.71 -10.51
CA VAL D 233 -3.99 -8.50 -10.42
C VAL D 233 -4.17 -9.55 -9.32
N VAL D 234 -3.84 -10.79 -9.63
CA VAL D 234 -3.73 -11.85 -8.64
C VAL D 234 -2.24 -12.03 -8.35
N ALA D 235 -1.84 -11.80 -7.10
CA ALA D 235 -0.44 -11.85 -6.69
C ALA D 235 -0.19 -13.06 -5.82
N PRO D 236 0.18 -14.20 -6.39
CA PRO D 236 0.42 -15.40 -5.58
C PRO D 236 1.76 -15.32 -4.87
N GLY D 237 1.84 -16.06 -3.76
CA GLY D 237 3.10 -16.26 -3.08
C GLY D 237 3.84 -17.44 -3.69
N TYR D 238 4.55 -18.22 -2.87
CA TYR D 238 5.19 -19.43 -3.36
C TYR D 238 4.14 -20.52 -3.55
N ILE D 239 3.97 -20.99 -4.78
CA ILE D 239 2.97 -21.99 -5.13
C ILE D 239 3.69 -23.23 -5.63
N ASP D 240 3.25 -24.40 -5.15
CA ASP D 240 3.85 -25.67 -5.55
C ASP D 240 3.49 -25.99 -7.00
N THR D 241 4.51 -26.14 -7.83
CA THR D 241 4.31 -26.50 -9.23
C THR D 241 5.26 -27.62 -9.65
N ALA D 255 12.33 -20.15 2.95
CA ALA D 255 11.34 -19.29 2.32
C ALA D 255 10.07 -19.21 3.17
N LEU D 256 9.78 -20.28 3.89
CA LEU D 256 8.59 -20.34 4.75
C LEU D 256 8.70 -19.42 5.97
N ASP D 257 9.89 -18.92 6.28
CA ASP D 257 10.05 -18.03 7.43
C ASP D 257 9.30 -16.71 7.25
N PHE D 258 9.04 -16.30 6.01
CA PHE D 258 8.30 -15.08 5.74
C PHE D 258 6.84 -15.33 5.39
N ILE D 259 6.39 -16.58 5.44
CA ILE D 259 5.02 -16.94 5.13
C ILE D 259 4.30 -17.25 6.45
N PRO D 260 3.39 -16.39 6.91
CA PRO D 260 2.67 -16.70 8.17
C PRO D 260 1.91 -18.00 8.13
N ALA D 261 1.45 -18.45 6.95
CA ALA D 261 0.76 -19.73 6.87
C ALA D 261 1.67 -20.92 7.10
N LYS D 262 2.99 -20.70 7.05
CA LYS D 262 3.98 -21.77 7.27
C LYS D 262 3.85 -22.90 6.26
N ARG D 263 3.34 -22.59 5.08
CA ARG D 263 3.23 -23.56 4.00
C ARG D 263 3.20 -22.81 2.68
N VAL D 264 3.36 -23.56 1.59
CA VAL D 264 3.25 -23.00 0.25
C VAL D 264 1.82 -23.19 -0.25
N GLY D 265 1.47 -22.42 -1.28
CA GLY D 265 0.16 -22.54 -1.87
C GLY D 265 0.12 -23.56 -3.00
N THR D 266 -1.10 -23.84 -3.46
CA THR D 266 -1.33 -24.75 -4.58
C THR D 266 -1.90 -23.98 -5.75
N ALA D 267 -1.77 -24.57 -6.94
CA ALA D 267 -2.28 -23.93 -8.15
C ALA D 267 -3.80 -23.81 -8.12
N GLU D 268 -4.48 -24.76 -7.48
CA GLU D 268 -5.93 -24.69 -7.38
C GLU D 268 -6.39 -23.52 -6.52
N GLU D 269 -5.58 -23.12 -5.53
CA GLU D 269 -5.91 -21.95 -4.73
C GLU D 269 -5.78 -20.67 -5.55
N VAL D 270 -4.75 -20.58 -6.39
CA VAL D 270 -4.64 -19.46 -7.31
C VAL D 270 -5.80 -19.47 -8.29
N ALA D 271 -6.15 -20.65 -8.81
CA ALA D 271 -7.28 -20.75 -9.73
C ALA D 271 -8.60 -20.39 -9.06
N GLY D 272 -8.70 -20.60 -7.75
CA GLY D 272 -9.92 -20.21 -7.04
C GLY D 272 -10.10 -18.71 -6.99
N ALA D 273 -9.01 -17.96 -6.83
CA ALA D 273 -9.11 -16.50 -6.82
C ALA D 273 -9.39 -15.97 -8.21
N VAL D 274 -8.83 -16.60 -9.24
CA VAL D 274 -9.12 -16.20 -10.62
C VAL D 274 -10.57 -16.48 -10.96
N SER D 275 -11.10 -17.62 -10.52
CA SER D 275 -12.51 -17.93 -10.74
C SER D 275 -13.41 -16.86 -10.14
N PHE D 276 -13.03 -16.31 -8.98
CA PHE D 276 -13.81 -15.26 -8.35
C PHE D 276 -13.77 -13.97 -9.16
N LEU D 277 -12.58 -13.58 -9.63
CA LEU D 277 -12.45 -12.36 -10.43
C LEU D 277 -13.09 -12.50 -11.81
N ALA D 278 -13.37 -13.71 -12.26
CA ALA D 278 -13.99 -13.95 -13.56
C ALA D 278 -15.46 -14.30 -13.45
N SER D 279 -16.06 -14.13 -12.27
CA SER D 279 -17.45 -14.48 -12.01
C SER D 279 -18.30 -13.22 -11.91
N GLU D 280 -19.60 -13.43 -11.65
CA GLU D 280 -20.55 -12.34 -11.48
C GLU D 280 -20.49 -11.70 -10.10
N ASP D 281 -19.53 -12.10 -9.27
CA ASP D 281 -19.37 -11.55 -7.93
C ASP D 281 -18.28 -10.50 -7.83
N ALA D 282 -17.63 -10.15 -8.94
CA ALA D 282 -16.50 -9.23 -8.93
C ALA D 282 -16.63 -8.12 -9.97
N SER D 283 -17.87 -7.77 -10.33
CA SER D 283 -18.08 -6.71 -11.31
C SER D 283 -17.74 -5.33 -10.75
N TYR D 284 -17.73 -5.18 -9.42
CA TYR D 284 -17.43 -3.90 -8.78
C TYR D 284 -16.01 -3.84 -8.24
N ILE D 285 -15.12 -4.71 -8.72
CA ILE D 285 -13.73 -4.76 -8.30
C ILE D 285 -12.85 -4.32 -9.46
N ALA D 286 -12.02 -3.30 -9.23
CA ALA D 286 -11.18 -2.76 -10.28
C ALA D 286 -9.87 -2.25 -9.68
N GLY D 287 -8.76 -2.58 -10.33
CA GLY D 287 -7.46 -2.13 -9.87
C GLY D 287 -6.99 -2.80 -8.60
N ALA D 288 -7.57 -3.93 -8.22
CA ALA D 288 -7.28 -4.59 -6.96
C ALA D 288 -6.11 -5.56 -7.11
N VAL D 289 -5.34 -5.68 -6.04
CA VAL D 289 -4.29 -6.69 -5.92
C VAL D 289 -4.81 -7.74 -4.95
N ILE D 290 -5.07 -8.94 -5.45
CA ILE D 290 -5.59 -10.03 -4.64
C ILE D 290 -4.44 -10.96 -4.27
N PRO D 291 -3.90 -10.87 -3.05
CA PRO D 291 -2.73 -11.69 -2.69
C PRO D 291 -3.17 -13.10 -2.31
N VAL D 292 -2.57 -14.08 -2.97
CA VAL D 292 -2.73 -15.49 -2.59
C VAL D 292 -1.37 -15.99 -2.14
N ASP D 293 -0.93 -15.51 -0.96
CA ASP D 293 0.44 -15.71 -0.52
C ASP D 293 0.54 -16.18 0.93
N GLY D 294 -0.57 -16.55 1.55
CA GLY D 294 -0.54 -16.93 2.95
C GLY D 294 -0.14 -15.81 3.88
N GLY D 295 -0.29 -14.56 3.45
CA GLY D 295 0.10 -13.41 4.24
C GLY D 295 1.56 -13.01 4.12
N MET D 296 2.29 -13.57 3.17
CA MET D 296 3.72 -13.29 3.06
C MET D 296 3.98 -11.83 2.72
N GLY D 297 3.18 -11.25 1.85
CA GLY D 297 3.43 -9.90 1.37
C GLY D 297 2.77 -8.79 2.13
N MET D 298 2.31 -9.06 3.36
CA MET D 298 1.70 -8.01 4.17
C MET D 298 2.71 -6.91 4.43
N GLY D 299 2.28 -5.66 4.22
CA GLY D 299 3.15 -4.52 4.45
C GLY D 299 2.63 -3.30 3.71
N HIS D 300 3.57 -2.42 3.36
CA HIS D 300 3.24 -1.20 2.63
C HIS D 300 4.47 -0.70 1.87
PA NAP E . 8.94 4.93 25.33
O1A NAP E . 10.43 4.92 25.51
O2A NAP E . 8.31 3.90 26.24
O5B NAP E . 8.34 6.43 25.68
C5B NAP E . 7.12 6.80 25.10
C4B NAP E . 6.72 8.20 25.64
O4B NAP E . 5.28 8.33 25.62
C3B NAP E . 7.14 8.49 27.09
O3B NAP E . 7.72 9.80 27.18
C2B NAP E . 5.83 8.44 27.87
O2B NAP E . 5.86 9.36 29.04
C1B NAP E . 4.82 8.92 26.83
N9A NAP E . 3.47 8.51 27.09
C8A NAP E . 2.99 7.26 27.13
N7A NAP E . 1.69 7.19 27.40
C5A NAP E . 1.32 8.51 27.53
C6A NAP E . 0.11 9.13 27.82
N6A NAP E . -1.04 8.48 28.03
N1A NAP E . 0.09 10.45 27.88
C2A NAP E . 1.23 11.16 27.68
N3A NAP E . 2.43 10.67 27.41
C4A NAP E . 2.41 9.34 27.35
O3 NAP E . 8.57 4.57 23.77
PN NAP E . 9.56 4.90 22.50
O1N NAP E . 10.41 3.68 22.21
O2N NAP E . 10.45 6.07 22.83
O5D NAP E . 8.66 5.25 21.18
C5D NAP E . 7.87 6.40 21.20
C4D NAP E . 6.85 6.32 20.04
O4D NAP E . 7.45 5.65 18.90
C3D NAP E . 5.66 5.45 20.45
O3D NAP E . 4.44 6.01 19.95
C2D NAP E . 5.96 4.10 19.78
O2D NAP E . 4.75 3.40 19.49
C1D NAP E . 6.65 4.55 18.50
N1N NAP E . 7.47 3.51 17.94
C2N NAP E . 8.52 3.01 18.63
C3N NAP E . 9.30 2.01 18.08
C7N NAP E . 10.48 1.44 18.82
O7N NAP E . 10.83 1.94 19.90
N7N NAP E . 11.13 0.41 18.29
C4N NAP E . 9.00 1.52 16.82
C5N NAP E . 7.94 2.02 16.14
C6N NAP E . 7.17 3.02 16.71
P2B NAP E . 6.15 8.78 30.49
O1X NAP E . 7.63 8.84 30.76
O2X NAP E . 5.41 9.62 31.51
O3X NAP E . 5.69 7.35 30.59
PA NAP F . -26.49 0.38 8.35
O1A NAP F . -27.81 0.17 7.65
O2A NAP F . -26.59 1.52 9.33
O5B NAP F . -26.06 -1.00 9.14
C5B NAP F . -25.47 -0.89 10.40
C4B NAP F . -25.66 -2.24 11.14
O4B NAP F . -24.73 -2.32 12.25
C3B NAP F . -27.06 -2.45 11.74
O3B NAP F . -27.45 -3.82 11.66
C2B NAP F . -26.83 -2.03 13.20
O2B NAP F . -27.84 -2.63 14.10
C1B NAP F . -25.44 -2.59 13.45
N9A NAP F . -24.78 -1.95 14.56
C8A NAP F . -24.38 -0.68 14.65
N7A NAP F . -23.79 -0.36 15.82
C5A NAP F . -23.86 -1.56 16.52
C6A NAP F . -23.46 -1.92 17.79
N6A NAP F . -22.85 -1.08 18.64
N1A NAP F . -23.67 -3.17 18.19
C2A NAP F . -24.27 -4.03 17.35
N3A NAP F . -24.71 -3.81 16.13
C4A NAP F . -24.47 -2.54 15.76
O3 NAP F . -25.35 0.74 7.21
PN NAP F . -24.49 -0.41 6.41
O1N NAP F . -23.93 0.20 5.15
O2N NAP F . -25.40 -1.57 6.08
O5D NAP F . -23.26 -0.93 7.36
C5D NAP F . -22.68 -2.18 7.10
C4D NAP F . -21.14 -2.08 7.23
O4D NAP F . -20.56 -1.72 5.95
C3D NAP F . -20.75 -0.96 8.22
O3D NAP F . -19.78 -1.43 9.16
C2D NAP F . -20.13 0.12 7.32
O2D NAP F . -19.06 0.78 8.00
C1D NAP F . -19.62 -0.68 6.13
N1N NAP F . -19.53 0.12 4.94
C2N NAP F . -20.64 0.67 4.39
C3N NAP F . -20.54 1.45 3.25
C7N NAP F . -21.75 2.06 2.63
O7N NAP F . -22.88 1.71 3.01
N7N NAP F . -21.60 2.97 1.68
C4N NAP F . -19.30 1.66 2.68
C5N NAP F . -18.19 1.11 3.24
C6N NAP F . -18.31 0.33 4.38
P2B NAP F . -29.08 -1.73 14.54
O1X NAP F . -30.20 -1.93 13.56
O2X NAP F . -29.51 -2.11 15.93
O3X NAP F . -28.65 -0.28 14.50
PA NAP G . 10.85 15.78 -18.77
O1A NAP G . 11.20 17.24 -18.97
O2A NAP G . 10.28 15.21 -20.05
O5B NAP G . 12.19 14.95 -18.31
C5B NAP G . 12.86 14.20 -19.28
C4B NAP G . 14.39 14.29 -19.02
O4B NAP G . 14.96 12.98 -19.26
C3B NAP G . 15.14 15.24 -19.96
O3B NAP G . 16.30 15.76 -19.33
C2B NAP G . 15.52 14.31 -21.11
O2B NAP G . 16.71 14.82 -21.85
C1B NAP G . 15.86 13.01 -20.37
N9A NAP G . 15.65 11.84 -21.17
C8A NAP G . 14.53 11.48 -21.81
N7A NAP G . 14.64 10.34 -22.50
C5A NAP G . 15.96 9.96 -22.28
C6A NAP G . 16.72 8.89 -22.70
N6A NAP G . 16.24 7.91 -23.49
N1A NAP G . 17.98 8.81 -22.31
C2A NAP G . 18.49 9.78 -21.51
N3A NAP G . 17.87 10.84 -21.05
C4A NAP G . 16.59 10.89 -21.47
O3 NAP G . 9.74 15.70 -17.56
PN NAP G . 10.01 16.35 -16.07
O1N NAP G . 8.86 17.25 -15.71
O2N NAP G . 11.28 17.16 -16.07
O5D NAP G . 10.15 15.13 -14.97
C5D NAP G . 11.27 14.30 -15.05
C4D NAP G . 10.93 12.95 -14.39
O4D NAP G . 9.88 13.14 -13.40
C3D NAP G . 10.35 11.99 -15.44
O3D NAP G . 10.83 10.66 -15.22
C2D NAP G . 8.83 12.06 -15.18
O2D NAP G . 8.20 10.82 -15.52
C1D NAP G . 8.78 12.29 -13.67
N1N NAP G . 7.55 12.93 -13.27
C2N NAP G . 7.20 14.13 -13.79
C3N NAP G . 6.02 14.74 -13.40
C7N NAP G . 5.61 16.08 -13.95
O7N NAP G . 6.36 16.67 -14.73
N7N NAP G . 4.43 16.57 -13.59
C4N NAP G . 5.20 14.11 -12.48
C5N NAP G . 5.56 12.91 -11.96
C6N NAP G . 6.75 12.32 -12.37
P2B NAP G . 16.45 15.68 -23.17
O1X NAP G . 15.27 15.09 -23.92
O2X NAP G . 16.13 17.10 -22.80
O3X NAP G . 17.68 15.63 -24.04
PA NAP H . 5.65 -22.28 -15.33
O1A NAP H . 5.34 -23.64 -14.76
O2A NAP H . 7.10 -22.21 -15.71
O5B NAP H . 4.74 -22.02 -16.68
C5B NAP H . 4.88 -20.81 -17.34
C4B NAP H . 3.91 -20.78 -18.55
O4B NAP H . 4.11 -19.54 -19.31
C3B NAP H . 4.12 -21.91 -19.58
O3B NAP H . 2.86 -22.31 -20.12
C2B NAP H . 4.98 -21.23 -20.65
O2B NAP H . 4.84 -21.90 -21.98
C1B NAP H . 4.34 -19.85 -20.68
N9A NAP H . 5.20 -18.86 -21.27
C8A NAP H . 6.36 -18.41 -20.81
N7A NAP H . 6.94 -17.49 -21.59
C5A NAP H . 6.04 -17.36 -22.64
C6A NAP H . 6.03 -16.58 -23.78
N6A NAP H . 7.00 -15.72 -24.08
N1A NAP H . 5.00 -16.69 -24.60
C2A NAP H . 4.00 -17.56 -24.32
N3A NAP H . 3.90 -18.36 -23.27
C4A NAP H . 4.96 -18.21 -22.45
O3 NAP H . 5.29 -21.12 -14.22
PN NAP H . 4.03 -21.21 -13.18
O1N NAP H . 4.52 -21.76 -11.85
O2N NAP H . 2.95 -22.11 -13.74
O5D NAP H . 3.39 -19.70 -12.95
C5D NAP H . 2.73 -19.10 -14.02
C4D NAP H . 2.57 -17.59 -13.70
O4D NAP H . 2.37 -17.43 -12.27
C3D NAP H . 3.87 -16.85 -14.04
O3D NAP H . 3.58 -15.58 -14.63
C2D NAP H . 4.53 -16.64 -12.66
O2D NAP H . 5.29 -15.43 -12.65
C1D NAP H . 3.31 -16.52 -11.75
N1N NAP H . 3.66 -16.86 -10.39
C2N NAP H . 4.09 -18.12 -10.11
C3N NAP H . 4.43 -18.43 -8.80
C7N NAP H . 4.92 -19.81 -8.44
O7N NAP H . 4.78 -20.73 -9.25
N7N NAP H . 5.48 -20.00 -7.25
C4N NAP H . 4.32 -17.47 -7.80
C5N NAP H . 3.88 -16.23 -8.11
C6N NAP H . 3.55 -15.93 -9.42
P2B NAP H . 5.83 -23.09 -22.34
O1X NAP H . 5.21 -24.38 -21.89
O2X NAP H . 6.08 -23.11 -23.82
O3X NAP H . 7.15 -22.89 -21.62
#